data_7JSD
#
_entry.id   7JSD
#
_cell.length_a   72.626
_cell.length_b   93.530
_cell.length_c   91.339
_cell.angle_alpha   90.000
_cell.angle_beta   107.560
_cell.angle_gamma   90.000
#
_symmetry.space_group_name_H-M   'P 1 21 1'
#
loop_
_entity.id
_entity.type
_entity.pdbx_description
1 polymer 'Lysine hydroxylase'
2 non-polymer LYSINE
3 non-polymer '2-OXOGLUTARIC ACID'
4 non-polymer 'FE (II) ION'
5 non-polymer 'TETRAETHYLENE GLYCOL'
6 water water
#
_entity_poly.entity_id   1
_entity_poly.type   'polypeptide(L)'
_entity_poly.pdbx_seq_one_letter_code
;GPHMDVHEIDETLEKFLAENYTPERVQQLADRFQRTGFVKFDSHMRIVPEELITAVRAEADRLVREHKERRDLVLGTTGG
TPRNLSVVKSQDVEQSDLIRAVTRSEVLLTFLAGITRERIIPEVSDDERYLITHQEFASDTHGWHWDDYSFAFNWALRMP
PIASGGMVQAVPHTHWDKNAPRINETLCERQIDTYGLVSGDLYLLRSDTTMHRTVPLTEDGAVRTMLVVSWSAERDLGKV
LTGNDRWWENPEAGAAQPVHRAG
;
_entity_poly.pdbx_strand_id   A,B,C,D
#
# COMPACT_ATOMS: atom_id res chain seq x y z
N VAL A 6 10.72 -13.26 41.86
CA VAL A 6 10.24 -14.62 42.06
C VAL A 6 9.03 -14.90 41.17
N HIS A 7 8.04 -15.58 41.72
CA HIS A 7 6.80 -15.90 41.01
C HIS A 7 5.84 -14.72 40.95
N GLU A 8 6.24 -13.55 41.46
CA GLU A 8 5.38 -12.38 41.44
C GLU A 8 5.23 -11.80 40.03
N ILE A 9 6.17 -12.07 39.14
CA ILE A 9 6.10 -11.48 37.80
C ILE A 9 4.95 -12.10 37.01
N ASP A 10 4.73 -13.40 37.16
CA ASP A 10 3.66 -14.06 36.41
C ASP A 10 2.29 -13.57 36.85
N GLU A 11 2.14 -13.21 38.13
CA GLU A 11 0.89 -12.63 38.60
C GLU A 11 0.78 -11.16 38.25
N THR A 12 1.92 -10.45 38.20
CA THR A 12 1.90 -9.05 37.79
C THR A 12 1.48 -8.92 36.33
N LEU A 13 1.97 -9.81 35.46
CA LEU A 13 1.59 -9.76 34.05
C LEU A 13 0.13 -10.15 33.86
N GLU A 14 -0.35 -11.13 34.64
CA GLU A 14 -1.74 -11.56 34.50
C GLU A 14 -2.71 -10.46 34.89
N LYS A 15 -2.31 -9.58 35.81
CA LYS A 15 -3.16 -8.47 36.21
C LYS A 15 -3.02 -7.29 35.25
N PHE A 16 -1.81 -7.06 34.74
CA PHE A 16 -1.59 -5.92 33.85
C PHE A 16 -2.23 -6.15 32.49
N LEU A 17 -2.13 -7.36 31.96
CA LEU A 17 -2.74 -7.65 30.66
C LEU A 17 -4.26 -7.67 30.76
N ALA A 18 -4.80 -8.15 31.89
CA ALA A 18 -6.24 -8.27 32.02
C ALA A 18 -6.91 -6.90 32.09
N GLU A 19 -6.27 -5.93 32.72
CA GLU A 19 -6.84 -4.59 32.88
C GLU A 19 -6.48 -3.66 31.72
N ASN A 20 -5.73 -4.13 30.73
CA ASN A 20 -5.33 -3.30 29.61
C ASN A 20 -5.75 -3.86 28.25
N TYR A 21 -6.35 -5.04 28.21
CA TYR A 21 -6.68 -5.67 26.94
C TYR A 21 -8.00 -6.43 27.05
N THR A 22 -8.83 -6.29 26.02
CA THR A 22 -10.02 -7.09 25.80
C THR A 22 -9.74 -8.12 24.71
N PRO A 23 -10.50 -9.22 24.67
CA PRO A 23 -10.24 -10.24 23.64
C PRO A 23 -10.35 -9.73 22.23
N GLU A 24 -11.27 -8.80 21.96
CA GLU A 24 -11.41 -8.29 20.59
C GLU A 24 -10.29 -7.33 20.22
N ARG A 25 -9.79 -6.56 21.18
CA ARG A 25 -8.60 -5.73 20.93
C ARG A 25 -7.42 -6.61 20.53
N VAL A 26 -7.31 -7.80 21.15
CA VAL A 26 -6.27 -8.75 20.74
C VAL A 26 -6.49 -9.18 19.30
N GLN A 27 -7.74 -9.43 18.92
CA GLN A 27 -8.03 -9.81 17.54
C GLN A 27 -7.70 -8.70 16.56
N GLN A 28 -7.88 -7.44 16.96
CA GLN A 28 -7.46 -6.33 16.11
C GLN A 28 -5.95 -6.28 15.96
N LEU A 29 -5.21 -6.56 17.05
CA LEU A 29 -3.76 -6.62 16.96
C LEU A 29 -3.29 -7.81 16.15
N ALA A 30 -4.03 -8.93 16.20
CA ALA A 30 -3.70 -10.08 15.39
C ALA A 30 -3.91 -9.80 13.91
N ASP A 31 -4.89 -8.95 13.58
CA ASP A 31 -5.08 -8.54 12.19
C ASP A 31 -3.91 -7.68 11.71
N ARG A 32 -3.53 -6.67 12.51
CA ARG A 32 -2.39 -5.84 12.15
C ARG A 32 -1.10 -6.66 12.06
N PHE A 33 -0.96 -7.64 12.95
CA PHE A 33 0.24 -8.48 12.93
C PHE A 33 0.30 -9.33 11.66
N GLN A 34 -0.83 -9.93 11.27
CA GLN A 34 -0.86 -10.70 10.04
C GLN A 34 -0.61 -9.81 8.82
N ARG A 35 -1.09 -8.56 8.87
CA ARG A 35 -0.97 -7.69 7.71
C ARG A 35 0.43 -7.09 7.58
N THR A 36 1.05 -6.69 8.70
CA THR A 36 2.32 -5.99 8.68
C THR A 36 3.48 -6.76 9.29
N GLY A 37 3.21 -7.83 10.05
CA GLY A 37 4.27 -8.54 10.74
C GLY A 37 4.87 -7.78 11.91
N PHE A 38 4.18 -6.76 12.40
CA PHE A 38 4.76 -5.82 13.35
C PHE A 38 3.64 -5.24 14.21
N VAL A 39 3.81 -5.32 15.53
CA VAL A 39 2.89 -4.72 16.49
C VAL A 39 3.72 -3.99 17.53
N LYS A 40 3.62 -2.67 17.55
CA LYS A 40 4.41 -1.85 18.47
C LYS A 40 3.63 -1.63 19.77
N PHE A 41 4.28 -1.90 20.90
CA PHE A 41 3.72 -1.66 22.22
C PHE A 41 4.43 -0.44 22.80
N ASP A 42 3.84 0.74 22.60
CA ASP A 42 4.43 1.99 23.04
C ASP A 42 3.67 2.53 24.25
N SER A 43 3.84 3.84 24.53
CA SER A 43 3.17 4.46 25.67
C SER A 43 1.65 4.47 25.53
N HIS A 44 1.13 4.34 24.31
CA HIS A 44 -0.30 4.30 24.09
C HIS A 44 -0.90 2.90 24.24
N MET A 45 -0.07 1.85 24.23
CA MET A 45 -0.56 0.49 24.32
C MET A 45 0.55 -0.37 24.93
N ARG A 46 0.64 -0.34 26.26
CA ARG A 46 1.67 -1.07 26.97
C ARG A 46 1.35 -2.56 27.03
N ILE A 47 2.39 -3.38 27.01
CA ILE A 47 2.24 -4.81 27.19
C ILE A 47 2.84 -5.28 28.51
N VAL A 48 3.90 -4.64 29.01
CA VAL A 48 4.49 -4.96 30.30
C VAL A 48 4.50 -3.68 31.13
N PRO A 49 4.36 -3.76 32.45
CA PRO A 49 4.35 -2.54 33.27
C PRO A 49 5.67 -1.80 33.19
N GLU A 50 5.59 -0.48 33.35
CA GLU A 50 6.78 0.36 33.28
C GLU A 50 7.79 0.03 34.39
N GLU A 51 7.34 -0.58 35.48
CA GLU A 51 8.27 -0.99 36.52
C GLU A 51 9.23 -2.06 36.01
N LEU A 52 8.70 -3.04 35.27
CA LEU A 52 9.56 -4.10 34.76
C LEU A 52 10.48 -3.61 33.65
N ILE A 53 10.04 -2.63 32.86
CA ILE A 53 10.89 -2.11 31.80
C ILE A 53 12.12 -1.44 32.39
N THR A 54 11.94 -0.64 33.44
CA THR A 54 13.07 0.01 34.10
C THR A 54 14.03 -1.03 34.65
N ALA A 55 13.51 -2.09 35.27
CA ALA A 55 14.37 -3.13 35.82
C ALA A 55 15.09 -3.88 34.71
N VAL A 56 14.41 -4.19 33.61
CA VAL A 56 15.05 -4.87 32.50
C VAL A 56 16.12 -3.98 31.87
N ARG A 57 15.85 -2.67 31.77
CA ARG A 57 16.83 -1.75 31.21
C ARG A 57 18.10 -1.73 32.04
N ALA A 58 17.98 -1.77 33.36
CA ALA A 58 19.16 -1.79 34.21
C ALA A 58 19.93 -3.09 34.06
N GLU A 59 19.22 -4.21 33.91
CA GLU A 59 19.87 -5.50 33.70
C GLU A 59 20.62 -5.52 32.37
N ALA A 60 20.05 -4.90 31.34
CA ALA A 60 20.71 -4.88 30.03
C ALA A 60 21.91 -3.93 30.04
N ASP A 61 21.80 -2.81 30.76
CA ASP A 61 22.92 -1.88 30.84
C ASP A 61 24.13 -2.53 31.50
N ARG A 62 23.89 -3.37 32.52
CA ARG A 62 24.99 -4.08 33.16
C ARG A 62 25.59 -5.12 32.22
N LEU A 63 24.73 -5.85 31.50
CA LEU A 63 25.21 -6.88 30.58
C LEU A 63 26.02 -6.27 29.44
N VAL A 64 25.55 -5.15 28.88
CA VAL A 64 26.32 -4.45 27.85
C VAL A 64 27.65 -3.97 28.42
N ARG A 65 27.62 -3.43 29.64
CA ARG A 65 28.82 -2.86 30.23
C ARG A 65 29.89 -3.91 30.47
N GLU A 66 29.48 -5.17 30.67
CA GLU A 66 30.41 -6.23 31.05
C GLU A 66 30.58 -7.31 29.99
N HIS A 67 29.92 -7.20 28.84
CA HIS A 67 30.00 -8.28 27.86
C HIS A 67 29.94 -7.84 26.41
N LYS A 68 29.87 -6.54 26.10
CA LYS A 68 29.66 -6.12 24.72
C LYS A 68 30.85 -6.52 23.84
N GLU A 69 30.55 -7.12 22.69
CA GLU A 69 31.55 -7.48 21.70
C GLU A 69 31.20 -6.82 20.38
N ARG A 70 32.17 -6.11 19.81
CA ARG A 70 31.92 -5.35 18.59
C ARG A 70 31.82 -6.28 17.39
N ARG A 71 30.89 -5.96 16.48
CA ARG A 71 30.70 -6.69 15.24
C ARG A 71 30.74 -5.72 14.08
N ASP A 72 31.58 -6.01 13.09
CA ASP A 72 31.66 -5.22 11.85
C ASP A 72 31.91 -6.21 10.71
N LEU A 73 30.83 -6.69 10.10
CA LEU A 73 30.93 -7.73 9.08
C LEU A 73 29.73 -7.64 8.15
N VAL A 74 29.80 -8.40 7.07
CA VAL A 74 28.70 -8.58 6.14
C VAL A 74 28.35 -10.06 6.10
N LEU A 75 27.06 -10.35 5.93
CA LEU A 75 26.56 -11.72 5.97
C LEU A 75 26.17 -12.16 4.56
N GLY A 76 26.82 -13.20 4.06
CA GLY A 76 26.56 -13.65 2.70
C GLY A 76 25.16 -14.21 2.50
N THR A 77 24.63 -14.89 3.52
CA THR A 77 23.29 -15.46 3.41
C THR A 77 22.20 -14.41 3.36
N THR A 78 22.52 -13.14 3.61
CA THR A 78 21.57 -12.04 3.51
C THR A 78 22.08 -10.99 2.52
N GLY A 79 22.59 -11.45 1.38
CA GLY A 79 23.00 -10.54 0.31
C GLY A 79 24.14 -9.61 0.67
N GLY A 80 24.95 -9.96 1.67
CA GLY A 80 26.05 -9.12 2.06
C GLY A 80 25.67 -7.87 2.82
N THR A 81 24.54 -7.89 3.53
CA THR A 81 24.14 -6.74 4.32
C THR A 81 25.05 -6.60 5.54
N PRO A 82 25.29 -5.37 5.98
CA PRO A 82 26.25 -5.15 7.07
C PRO A 82 25.64 -5.39 8.44
N ARG A 83 26.51 -5.78 9.37
CA ARG A 83 26.23 -5.77 10.80
C ARG A 83 27.31 -4.93 11.47
N ASN A 84 26.95 -3.72 11.90
CA ASN A 84 27.88 -2.80 12.55
C ASN A 84 27.26 -2.40 13.88
N LEU A 85 27.60 -3.13 14.94
CA LEU A 85 27.06 -2.89 16.27
C LEU A 85 27.84 -3.76 17.26
N SER A 86 27.44 -3.70 18.53
CA SER A 86 27.96 -4.56 19.57
C SER A 86 26.88 -5.51 20.05
N VAL A 87 27.27 -6.73 20.41
CA VAL A 87 26.33 -7.76 20.81
C VAL A 87 26.66 -8.24 22.22
N VAL A 88 25.62 -8.68 22.93
CA VAL A 88 25.75 -9.46 24.15
C VAL A 88 25.15 -10.82 23.86
N LYS A 89 25.98 -11.86 23.90
CA LYS A 89 25.57 -13.18 23.46
C LYS A 89 24.40 -13.70 24.29
N SER A 90 23.66 -14.65 23.69
CA SER A 90 22.52 -15.25 24.36
C SER A 90 22.93 -15.90 25.68
N GLN A 91 24.12 -16.49 25.72
CA GLN A 91 24.57 -17.19 26.92
C GLN A 91 24.74 -16.24 28.09
N ASP A 92 25.12 -14.98 27.83
CA ASP A 92 25.29 -14.02 28.91
C ASP A 92 23.97 -13.38 29.33
N VAL A 93 23.03 -13.25 28.40
CA VAL A 93 21.73 -12.67 28.75
C VAL A 93 20.95 -13.62 29.65
N GLU A 94 21.12 -14.93 29.47
CA GLU A 94 20.43 -15.91 30.31
C GLU A 94 20.88 -15.87 31.76
N GLN A 95 21.97 -15.16 32.08
CA GLN A 95 22.36 -15.00 33.48
C GLN A 95 21.32 -14.20 34.25
N SER A 96 20.57 -13.34 33.57
CA SER A 96 19.57 -12.49 34.22
C SER A 96 18.33 -13.31 34.52
N ASP A 97 18.03 -13.49 35.81
CA ASP A 97 16.82 -14.20 36.20
C ASP A 97 15.58 -13.42 35.81
N LEU A 98 15.65 -12.08 35.88
CA LEU A 98 14.50 -11.26 35.53
C LEU A 98 14.13 -11.44 34.06
N ILE A 99 15.12 -11.33 33.16
CA ILE A 99 14.86 -11.46 31.73
C ILE A 99 14.30 -12.84 31.41
N ARG A 100 14.87 -13.90 32.00
CA ARG A 100 14.33 -15.24 31.77
C ARG A 100 12.92 -15.37 32.31
N ALA A 101 12.62 -14.69 33.42
CA ALA A 101 11.30 -14.83 34.04
C ALA A 101 10.21 -14.21 33.17
N VAL A 102 10.43 -13.00 32.68
CA VAL A 102 9.39 -12.32 31.90
C VAL A 102 9.27 -12.91 30.50
N THR A 103 10.40 -13.29 29.90
CA THR A 103 10.37 -13.75 28.52
C THR A 103 9.83 -15.17 28.40
N ARG A 104 10.09 -16.03 29.38
CA ARG A 104 9.55 -17.37 29.40
C ARG A 104 8.26 -17.48 30.19
N SER A 105 7.63 -16.34 30.51
CA SER A 105 6.41 -16.35 31.31
C SER A 105 5.27 -16.99 30.54
N GLU A 106 4.53 -17.88 31.21
CA GLU A 106 3.38 -18.52 30.57
C GLU A 106 2.24 -17.54 30.33
N VAL A 107 2.16 -16.48 31.14
CA VAL A 107 1.12 -15.47 30.94
C VAL A 107 1.39 -14.67 29.67
N LEU A 108 2.66 -14.31 29.44
CA LEU A 108 2.99 -13.51 28.27
C LEU A 108 2.88 -14.32 26.99
N LEU A 109 3.37 -15.56 27.01
CA LEU A 109 3.32 -16.39 25.81
C LEU A 109 1.89 -16.74 25.42
N THR A 110 1.01 -16.94 26.40
CA THR A 110 -0.38 -17.25 26.10
C THR A 110 -1.11 -16.03 25.55
N PHE A 111 -0.88 -14.85 26.16
CA PHE A 111 -1.47 -13.62 25.66
C PHE A 111 -1.01 -13.32 24.24
N LEU A 112 0.31 -13.33 24.02
CA LEU A 112 0.85 -13.04 22.70
C LEU A 112 0.45 -14.09 21.66
N ALA A 113 0.06 -15.29 22.10
CA ALA A 113 -0.44 -16.28 21.16
C ALA A 113 -1.75 -15.84 20.52
N GLY A 114 -2.52 -14.99 21.22
CA GLY A 114 -3.73 -14.44 20.61
C GLY A 114 -3.43 -13.46 19.50
N ILE A 115 -2.25 -12.82 19.54
CA ILE A 115 -1.87 -11.90 18.49
C ILE A 115 -1.25 -12.65 17.31
N THR A 116 -0.48 -13.69 17.59
CA THR A 116 0.09 -14.51 16.52
C THR A 116 -0.89 -15.53 15.98
N ARG A 117 -1.98 -15.80 16.70
CA ARG A 117 -2.99 -16.79 16.31
C ARG A 117 -2.39 -18.18 16.12
N GLU A 118 -1.29 -18.46 16.81
CA GLU A 118 -0.70 -19.79 16.81
C GLU A 118 0.16 -19.93 18.06
N ARG A 119 0.52 -21.18 18.36
CA ARG A 119 1.21 -21.48 19.61
C ARG A 119 2.64 -20.96 19.57
N ILE A 120 3.06 -20.32 20.66
CA ILE A 120 4.41 -19.77 20.80
C ILE A 120 5.19 -20.72 21.71
N ILE A 121 6.21 -21.36 21.14
CA ILE A 121 7.11 -22.22 21.91
C ILE A 121 8.39 -21.42 22.20
N PRO A 122 8.72 -21.18 23.46
CA PRO A 122 9.86 -20.30 23.77
C PRO A 122 11.23 -20.91 23.45
N GLU A 123 11.30 -22.18 23.09
CA GLU A 123 12.57 -22.86 22.89
C GLU A 123 13.08 -22.63 21.47
N VAL A 124 14.29 -22.07 21.37
CA VAL A 124 14.99 -21.95 20.09
C VAL A 124 16.41 -22.46 20.28
N SER A 125 17.29 -22.15 19.34
CA SER A 125 18.69 -22.58 19.46
C SER A 125 19.35 -21.91 20.66
N ASP A 126 20.34 -22.60 21.23
CA ASP A 126 20.96 -22.15 22.48
C ASP A 126 21.59 -20.78 22.33
N ASP A 127 22.23 -20.51 21.19
CA ASP A 127 22.95 -19.26 20.98
C ASP A 127 22.06 -18.15 20.45
N GLU A 128 20.76 -18.40 20.28
CA GLU A 128 19.85 -17.39 19.75
C GLU A 128 18.62 -17.19 20.63
N ARG A 129 18.64 -17.70 21.87
CA ARG A 129 17.50 -17.49 22.77
C ARG A 129 17.31 -16.01 23.05
N TYR A 130 18.39 -15.29 23.34
CA TYR A 130 18.34 -13.87 23.62
C TYR A 130 19.48 -13.19 22.87
N LEU A 131 19.43 -11.86 22.85
CA LEU A 131 20.47 -11.06 22.23
C LEU A 131 20.27 -9.61 22.61
N ILE A 132 21.35 -8.94 22.95
CA ILE A 132 21.35 -7.49 23.15
C ILE A 132 22.26 -6.88 22.09
N THR A 133 21.67 -6.02 21.25
CA THR A 133 22.45 -5.24 20.29
C THR A 133 22.68 -3.85 20.86
N HIS A 134 23.90 -3.34 20.69
CA HIS A 134 24.29 -2.03 21.21
C HIS A 134 24.93 -1.24 20.08
N GLN A 135 24.24 -0.22 19.59
CA GLN A 135 24.74 0.66 18.55
C GLN A 135 25.02 2.03 19.13
N GLU A 136 26.13 2.64 18.73
CA GLU A 136 26.56 3.88 19.36
C GLU A 136 27.36 4.76 18.42
N PHE A 137 27.82 4.22 17.30
CA PHE A 137 28.65 4.96 16.36
C PHE A 137 27.84 5.34 15.13
N ALA A 138 28.26 6.41 14.47
CA ALA A 138 27.64 6.80 13.21
C ALA A 138 27.80 5.68 12.19
N SER A 139 26.73 5.45 11.41
CA SER A 139 26.62 4.40 10.41
C SER A 139 26.49 3.00 11.01
N ASP A 140 26.35 2.88 12.34
CA ASP A 140 26.02 1.60 12.93
C ASP A 140 24.65 1.15 12.45
N THR A 141 24.53 -0.14 12.12
CA THR A 141 23.30 -0.63 11.53
C THR A 141 23.20 -2.14 11.73
N HIS A 142 21.97 -2.62 11.71
CA HIS A 142 21.66 -4.05 11.67
C HIS A 142 20.99 -4.27 10.31
N GLY A 143 21.76 -4.74 9.34
CA GLY A 143 21.33 -4.73 7.96
C GLY A 143 20.13 -5.62 7.69
N TRP A 144 19.64 -5.52 6.45
CA TRP A 144 18.49 -6.30 6.02
C TRP A 144 18.75 -7.79 6.22
N HIS A 145 17.75 -8.49 6.76
CA HIS A 145 17.89 -9.90 7.09
C HIS A 145 16.52 -10.47 7.41
N TRP A 146 16.48 -11.79 7.55
CA TRP A 146 15.40 -12.51 8.21
C TRP A 146 15.97 -13.26 9.40
N ASP A 147 15.08 -13.78 10.23
CA ASP A 147 15.46 -14.63 11.35
C ASP A 147 15.10 -16.08 11.03
N ASP A 148 15.83 -17.00 11.66
CA ASP A 148 15.57 -18.42 11.46
C ASP A 148 14.24 -18.83 12.09
N TYR A 149 13.81 -18.13 13.14
CA TYR A 149 12.61 -18.49 13.87
C TYR A 149 11.51 -17.46 13.61
N SER A 150 10.27 -17.87 13.91
CA SER A 150 9.11 -17.12 13.45
C SER A 150 8.95 -15.79 14.18
N PHE A 151 9.13 -15.79 15.50
CA PHE A 151 8.77 -14.63 16.31
C PHE A 151 10.00 -14.00 16.94
N ALA A 152 9.93 -12.68 17.10
CA ALA A 152 10.95 -11.91 17.82
C ALA A 152 10.25 -10.92 18.71
N PHE A 153 10.55 -10.96 20.01
CA PHE A 153 10.01 -10.04 20.99
C PHE A 153 11.14 -9.10 21.41
N ASN A 154 11.01 -7.82 21.07
CA ASN A 154 12.11 -6.87 21.17
C ASN A 154 11.78 -5.78 22.18
N TRP A 155 12.79 -5.38 22.95
CA TRP A 155 12.68 -4.33 23.97
C TRP A 155 13.56 -3.16 23.54
N ALA A 156 12.94 -2.12 22.99
CA ALA A 156 13.69 -0.91 22.63
C ALA A 156 14.07 -0.15 23.88
N LEU A 157 15.04 -0.67 24.63
CA LEU A 157 15.35 -0.15 25.95
C LEU A 157 15.92 1.27 25.89
N ARG A 158 16.77 1.54 24.90
CA ARG A 158 17.34 2.87 24.72
C ARG A 158 17.28 3.20 23.23
N MET A 159 16.59 4.29 22.90
CA MET A 159 16.43 4.74 21.53
C MET A 159 16.88 6.19 21.42
N PRO A 160 17.70 6.54 20.43
CA PRO A 160 18.01 7.94 20.18
C PRO A 160 16.82 8.63 19.54
N PRO A 161 16.85 9.97 19.43
CA PRO A 161 15.79 10.66 18.69
C PRO A 161 15.72 10.18 17.26
N ILE A 162 14.52 10.31 16.67
CA ILE A 162 14.27 9.74 15.34
C ILE A 162 15.24 10.32 14.32
N ALA A 163 15.56 11.61 14.44
CA ALA A 163 16.48 12.24 13.50
C ALA A 163 17.86 11.61 13.51
N SER A 164 18.23 10.92 14.59
CA SER A 164 19.50 10.21 14.65
C SER A 164 19.44 8.85 13.99
N GLY A 165 18.30 8.45 13.46
CA GLY A 165 18.16 7.13 12.85
C GLY A 165 17.77 6.08 13.86
N GLY A 166 17.98 4.83 13.47
CA GLY A 166 17.68 3.70 14.32
C GLY A 166 16.27 3.16 14.23
N MET A 167 15.44 3.70 13.33
CA MET A 167 14.10 3.18 13.16
C MET A 167 14.14 1.78 12.58
N VAL A 168 13.10 1.00 12.84
CA VAL A 168 12.96 -0.34 12.29
C VAL A 168 12.26 -0.24 10.94
N GLN A 169 12.88 -0.80 9.92
CA GLN A 169 12.27 -0.92 8.60
C GLN A 169 11.91 -2.37 8.34
N ALA A 170 10.85 -2.59 7.56
CA ALA A 170 10.28 -3.92 7.44
C ALA A 170 9.60 -4.08 6.08
N VAL A 171 9.69 -5.31 5.56
CA VAL A 171 8.99 -5.71 4.34
C VAL A 171 8.28 -7.02 4.63
N PRO A 172 6.98 -7.01 4.94
CA PRO A 172 6.30 -8.25 5.31
C PRO A 172 6.05 -9.14 4.11
N HIS A 173 5.67 -10.38 4.41
CA HIS A 173 5.28 -11.37 3.40
C HIS A 173 6.41 -11.66 2.43
N THR A 174 7.60 -11.86 2.98
CA THR A 174 8.75 -12.33 2.22
C THR A 174 9.20 -13.68 2.79
N HIS A 175 10.34 -14.16 2.33
CA HIS A 175 10.88 -15.42 2.83
C HIS A 175 12.40 -15.40 2.65
N TRP A 176 13.09 -16.13 3.52
CA TRP A 176 14.55 -16.18 3.50
C TRP A 176 14.99 -17.31 2.59
N ASP A 177 15.72 -16.97 1.53
CA ASP A 177 16.35 -17.93 0.64
C ASP A 177 17.85 -17.73 0.79
N LYS A 178 18.48 -18.55 1.63
CA LYS A 178 19.91 -18.38 1.92
C LYS A 178 20.77 -18.55 0.68
N ASN A 179 20.28 -19.27 -0.34
CA ASN A 179 21.04 -19.42 -1.57
C ASN A 179 20.88 -18.24 -2.51
N ALA A 180 19.74 -17.56 -2.46
CA ALA A 180 19.48 -16.38 -3.29
C ALA A 180 18.69 -15.38 -2.46
N PRO A 181 19.37 -14.61 -1.60
CA PRO A 181 18.65 -13.68 -0.71
C PRO A 181 17.79 -12.67 -1.45
N ARG A 182 18.31 -12.09 -2.54
CA ARG A 182 17.57 -11.12 -3.35
C ARG A 182 17.09 -9.93 -2.50
N ILE A 183 18.03 -9.33 -1.78
CA ILE A 183 17.70 -8.25 -0.85
C ILE A 183 17.18 -7.04 -1.62
N ASN A 184 18.03 -6.44 -2.45
CA ASN A 184 17.63 -5.23 -3.17
C ASN A 184 16.56 -5.52 -4.21
N GLU A 185 16.55 -6.72 -4.78
CA GLU A 185 15.49 -7.09 -5.71
C GLU A 185 14.14 -7.09 -5.01
N THR A 186 14.10 -7.51 -3.74
CA THR A 186 12.86 -7.46 -2.98
C THR A 186 12.40 -6.03 -2.76
N LEU A 187 13.33 -5.12 -2.47
CA LEU A 187 12.98 -3.71 -2.28
C LEU A 187 12.42 -3.11 -3.56
N CYS A 188 12.93 -3.53 -4.72
CA CYS A 188 12.43 -2.99 -5.98
C CYS A 188 11.04 -3.51 -6.32
N GLU A 189 10.61 -4.61 -5.69
CA GLU A 189 9.30 -5.20 -5.94
C GLU A 189 8.29 -4.89 -4.84
N ARG A 190 8.74 -4.38 -3.70
CA ARG A 190 7.89 -4.19 -2.54
C ARG A 190 8.09 -2.79 -1.97
N GLN A 191 7.20 -2.40 -1.06
CA GLN A 191 7.31 -1.13 -0.36
C GLN A 191 7.87 -1.35 1.05
N ILE A 192 8.57 -0.35 1.55
CA ILE A 192 9.23 -0.43 2.85
C ILE A 192 8.39 0.30 3.88
N ASP A 193 8.12 -0.37 4.99
CA ASP A 193 7.50 0.25 6.16
C ASP A 193 8.57 0.64 7.16
N THR A 194 8.40 1.80 7.79
CA THR A 194 9.35 2.32 8.75
C THR A 194 8.65 2.63 10.06
N TYR A 195 9.20 2.14 11.16
CA TYR A 195 8.59 2.29 12.48
C TYR A 195 9.55 3.05 13.39
N GLY A 196 9.08 4.18 13.93
CA GLY A 196 9.86 4.91 14.91
C GLY A 196 9.64 4.36 16.30
N LEU A 197 10.74 4.22 17.04
CA LEU A 197 10.71 3.71 18.40
C LEU A 197 11.28 4.75 19.37
N VAL A 198 10.77 4.73 20.60
CA VAL A 198 11.31 5.53 21.68
C VAL A 198 11.71 4.60 22.82
N SER A 199 12.48 5.14 23.75
CA SER A 199 12.95 4.35 24.88
C SER A 199 11.78 3.78 25.66
N GLY A 200 11.81 2.47 25.88
CA GLY A 200 10.76 1.77 26.60
C GLY A 200 9.74 1.08 25.72
N ASP A 201 9.79 1.29 24.41
CA ASP A 201 8.86 0.62 23.51
C ASP A 201 9.24 -0.84 23.32
N LEU A 202 8.22 -1.69 23.18
CA LEU A 202 8.39 -3.08 22.82
C LEU A 202 7.64 -3.34 21.53
N TYR A 203 8.05 -4.37 20.79
CA TYR A 203 7.33 -4.75 19.60
C TYR A 203 7.48 -6.24 19.31
N LEU A 204 6.45 -6.79 18.69
CA LEU A 204 6.44 -8.18 18.26
C LEU A 204 6.66 -8.23 16.75
N LEU A 205 7.54 -9.11 16.31
CA LEU A 205 7.91 -9.20 14.90
C LEU A 205 7.75 -10.63 14.42
N ARG A 206 7.09 -10.80 13.26
CA ARG A 206 7.08 -12.07 12.55
C ARG A 206 8.38 -12.12 11.75
N SER A 207 9.45 -12.57 12.41
CA SER A 207 10.81 -12.31 11.95
C SER A 207 11.29 -13.25 10.87
N ASP A 208 10.56 -14.32 10.56
CA ASP A 208 10.99 -15.25 9.53
C ASP A 208 10.44 -14.90 8.15
N THR A 209 9.33 -14.15 8.08
CA THR A 209 8.75 -13.74 6.81
C THR A 209 8.74 -12.23 6.61
N THR A 210 9.34 -11.47 7.53
CA THR A 210 9.40 -10.01 7.41
C THR A 210 10.87 -9.60 7.31
N MET A 211 11.30 -9.24 6.10
CA MET A 211 12.65 -8.70 5.93
CA MET A 211 12.65 -8.71 5.94
C MET A 211 12.75 -7.38 6.66
N HIS A 212 13.69 -7.28 7.60
CA HIS A 212 13.77 -6.11 8.46
C HIS A 212 15.21 -5.69 8.68
N ARG A 213 15.37 -4.47 9.17
CA ARG A 213 16.68 -3.89 9.45
C ARG A 213 16.48 -2.67 10.34
N THR A 214 17.58 -2.11 10.80
CA THR A 214 17.59 -0.85 11.53
C THR A 214 18.25 0.22 10.67
N VAL A 215 17.63 1.39 10.59
CA VAL A 215 18.19 2.49 9.80
C VAL A 215 19.51 2.94 10.44
N PRO A 216 20.56 3.14 9.65
CA PRO A 216 21.88 3.45 10.25
C PRO A 216 21.84 4.74 11.07
N LEU A 217 22.60 4.73 12.16
CA LEU A 217 22.71 5.92 13.00
C LEU A 217 23.46 7.02 12.25
N THR A 218 23.01 8.25 12.42
CA THR A 218 23.56 9.38 11.68
C THR A 218 24.69 10.09 12.42
N GLU A 219 24.90 9.79 13.70
CA GLU A 219 25.90 10.51 14.48
C GLU A 219 26.35 9.65 15.64
N ASP A 220 27.61 9.84 16.04
CA ASP A 220 28.14 9.14 17.20
C ASP A 220 27.42 9.59 18.46
N GLY A 221 27.31 8.66 19.42
CA GLY A 221 26.63 8.94 20.67
C GLY A 221 25.14 8.66 20.66
N ALA A 222 24.57 8.33 19.51
CA ALA A 222 23.14 7.99 19.43
C ALA A 222 22.93 6.55 19.88
N VAL A 223 23.03 6.36 21.20
CA VAL A 223 23.04 5.02 21.76
C VAL A 223 21.71 4.32 21.50
N ARG A 224 21.78 3.11 20.96
CA ARG A 224 20.60 2.28 20.70
C ARG A 224 20.87 0.89 21.27
N THR A 225 20.08 0.51 22.27
CA THR A 225 20.24 -0.79 22.94
C THR A 225 18.93 -1.55 22.82
N MET A 226 18.99 -2.73 22.20
CA MET A 226 17.80 -3.53 21.91
C MET A 226 17.97 -4.93 22.48
N LEU A 227 16.99 -5.35 23.27
CA LEU A 227 16.93 -6.72 23.77
C LEU A 227 16.06 -7.54 22.84
N VAL A 228 16.65 -8.55 22.20
CA VAL A 228 15.98 -9.36 21.20
C VAL A 228 15.72 -10.74 21.79
N VAL A 229 14.45 -11.13 21.85
CA VAL A 229 14.04 -12.45 22.33
C VAL A 229 13.43 -13.20 21.15
N SER A 230 13.93 -14.41 20.90
CA SER A 230 13.47 -15.22 19.79
C SER A 230 12.64 -16.39 20.30
N TRP A 231 11.51 -16.65 19.62
CA TRP A 231 10.61 -17.74 19.96
C TRP A 231 10.30 -18.54 18.71
N SER A 232 10.00 -19.81 18.91
CA SER A 232 9.62 -20.70 17.82
C SER A 232 8.11 -20.70 17.63
N ALA A 233 7.70 -20.99 16.39
CA ALA A 233 6.35 -21.41 16.11
C ALA A 233 6.35 -22.94 15.95
N GLU A 234 5.18 -23.50 15.71
CA GLU A 234 5.09 -24.95 15.48
C GLU A 234 5.90 -25.36 14.26
N ARG A 235 6.01 -24.48 13.26
CA ARG A 235 6.79 -24.77 12.06
C ARG A 235 8.29 -24.81 12.33
N ASP A 236 8.75 -24.28 13.47
CA ASP A 236 10.16 -24.21 13.77
C ASP A 236 10.68 -25.43 14.51
N LEU A 237 9.81 -26.32 14.98
CA LEU A 237 10.25 -27.49 15.71
C LEU A 237 11.00 -28.45 14.80
N GLY A 238 12.12 -28.98 15.30
CA GLY A 238 12.95 -29.85 14.50
C GLY A 238 13.77 -29.14 13.45
N LYS A 239 13.96 -27.83 13.59
CA LYS A 239 14.67 -27.06 12.58
C LYS A 239 16.13 -27.47 12.51
N VAL A 240 16.62 -27.68 11.29
CA VAL A 240 18.04 -27.95 11.04
C VAL A 240 18.66 -26.66 10.51
N LEU A 241 19.64 -26.13 11.25
CA LEU A 241 20.24 -24.86 10.90
C LEU A 241 21.17 -25.01 9.71
N THR A 242 21.01 -24.14 8.72
CA THR A 242 21.84 -24.14 7.52
C THR A 242 22.40 -22.73 7.31
N GLY A 243 23.40 -22.64 6.44
CA GLY A 243 23.99 -21.39 6.04
C GLY A 243 25.29 -21.03 6.74
N ASN A 244 25.50 -21.53 7.96
CA ASN A 244 26.69 -21.23 8.76
C ASN A 244 26.87 -19.71 8.89
N ASP A 245 25.81 -19.04 9.36
CA ASP A 245 25.75 -17.59 9.35
C ASP A 245 25.37 -17.03 10.72
N ARG A 246 25.79 -17.70 11.79
CA ARG A 246 25.48 -17.25 13.15
C ARG A 246 26.57 -16.27 13.61
N TRP A 247 26.52 -15.07 13.01
CA TRP A 247 27.56 -14.07 13.21
C TRP A 247 27.60 -13.54 14.63
N TRP A 248 26.44 -13.47 15.31
CA TRP A 248 26.41 -12.89 16.64
C TRP A 248 27.14 -13.78 17.65
N GLU A 249 26.90 -15.10 17.59
CA GLU A 249 27.60 -16.04 18.45
C GLU A 249 29.03 -16.27 17.95
N ASN A 250 29.18 -16.65 16.69
CA ASN A 250 30.48 -16.94 16.10
C ASN A 250 30.85 -15.85 15.09
N PRO A 251 31.73 -14.92 15.44
CA PRO A 251 32.07 -13.84 14.50
C PRO A 251 32.78 -14.34 13.25
N GLU A 252 33.41 -15.50 13.30
CA GLU A 252 34.11 -16.07 12.15
C GLU A 252 33.28 -17.12 11.43
N ALA A 253 31.96 -16.94 11.39
CA ALA A 253 31.09 -17.85 10.66
C ALA A 253 31.44 -17.83 9.17
N GLY A 254 31.08 -18.92 8.49
CA GLY A 254 31.46 -19.07 7.09
C GLY A 254 30.89 -17.96 6.23
N ALA A 255 29.61 -17.64 6.41
CA ALA A 255 28.94 -16.62 5.62
C ALA A 255 29.22 -15.20 6.11
N ALA A 256 30.12 -15.03 7.07
CA ALA A 256 30.44 -13.72 7.64
C ALA A 256 31.82 -13.29 7.20
N GLN A 257 31.91 -12.09 6.63
CA GLN A 257 33.17 -11.50 6.22
C GLN A 257 33.35 -10.16 6.91
N PRO A 258 34.47 -9.94 7.59
CA PRO A 258 34.63 -8.69 8.35
C PRO A 258 34.85 -7.49 7.46
N VAL A 259 34.49 -6.32 7.99
CA VAL A 259 34.74 -5.05 7.32
C VAL A 259 35.52 -4.13 8.26
N MET B 4 26.35 12.26 -34.68
CA MET B 4 25.00 12.68 -34.35
C MET B 4 24.76 14.14 -34.76
N ASP B 5 23.90 14.34 -35.75
CA ASP B 5 23.57 15.69 -36.18
C ASP B 5 22.54 16.29 -35.23
N VAL B 6 22.91 17.40 -34.58
CA VAL B 6 22.02 18.04 -33.61
C VAL B 6 20.72 18.46 -34.27
N HIS B 7 20.79 18.93 -35.51
CA HIS B 7 19.61 19.43 -36.19
C HIS B 7 18.58 18.36 -36.49
N GLU B 8 18.99 17.09 -36.54
CA GLU B 8 18.10 15.99 -36.90
C GLU B 8 17.59 15.22 -35.69
N ILE B 9 17.75 15.77 -34.48
CA ILE B 9 17.33 15.05 -33.28
C ILE B 9 15.81 15.09 -33.14
N ASP B 10 15.19 16.26 -33.36
CA ASP B 10 13.74 16.38 -33.18
C ASP B 10 12.98 15.48 -34.14
N GLU B 11 13.46 15.38 -35.39
CA GLU B 11 12.78 14.50 -36.34
C GLU B 11 12.98 13.03 -35.99
N THR B 12 14.15 12.69 -35.46
CA THR B 12 14.40 11.30 -35.07
C THR B 12 13.52 10.90 -33.89
N LEU B 13 13.39 11.78 -32.89
CA LEU B 13 12.53 11.48 -31.75
C LEU B 13 11.06 11.48 -32.14
N GLU B 14 10.67 12.35 -33.08
CA GLU B 14 9.28 12.40 -33.52
C GLU B 14 8.83 11.08 -34.13
N LYS B 15 9.68 10.47 -34.95
CA LYS B 15 9.33 9.19 -35.55
C LYS B 15 9.46 8.05 -34.54
N PHE B 16 10.41 8.14 -33.61
CA PHE B 16 10.60 7.08 -32.62
C PHE B 16 9.42 7.01 -31.66
N LEU B 17 9.03 8.16 -31.10
CA LEU B 17 7.95 8.17 -30.11
C LEU B 17 6.61 7.75 -30.74
N ALA B 18 6.39 8.14 -31.99
CA ALA B 18 5.10 7.85 -32.63
C ALA B 18 4.92 6.34 -32.85
N GLU B 19 6.01 5.63 -33.15
CA GLU B 19 5.88 4.21 -33.47
C GLU B 19 5.78 3.35 -32.22
N ASN B 20 6.31 3.81 -31.09
CA ASN B 20 6.41 2.98 -29.90
C ASN B 20 5.37 3.29 -28.84
N TYR B 21 4.67 4.42 -28.94
CA TYR B 21 3.74 4.85 -27.91
C TYR B 21 2.36 5.07 -28.51
N THR B 22 1.36 4.45 -27.91
CA THR B 22 -0.04 4.65 -28.22
C THR B 22 -0.64 5.68 -27.25
N PRO B 23 -1.73 6.32 -27.63
CA PRO B 23 -2.36 7.28 -26.70
C PRO B 23 -2.80 6.62 -25.39
N GLU B 24 -3.17 5.34 -25.43
CA GLU B 24 -3.55 4.65 -24.20
C GLU B 24 -2.32 4.41 -23.32
N ARG B 25 -1.17 4.10 -23.94
CA ARG B 25 0.03 3.88 -23.14
C ARG B 25 0.55 5.18 -22.53
N VAL B 26 0.29 6.32 -23.16
CA VAL B 26 0.68 7.59 -22.56
C VAL B 26 -0.17 7.89 -21.33
N GLN B 27 -1.47 7.58 -21.41
CA GLN B 27 -2.36 7.90 -20.29
C GLN B 27 -2.09 7.03 -19.08
N GLN B 28 -1.68 5.77 -19.29
CA GLN B 28 -1.34 4.93 -18.14
C GLN B 28 -0.03 5.38 -17.50
N LEU B 29 0.92 5.86 -18.29
CA LEU B 29 2.13 6.43 -17.72
C LEU B 29 1.82 7.72 -16.96
N ALA B 30 0.83 8.49 -17.44
CA ALA B 30 0.42 9.68 -16.71
C ALA B 30 -0.26 9.30 -15.40
N ASP B 31 -1.08 8.26 -15.41
CA ASP B 31 -1.65 7.72 -14.18
C ASP B 31 -0.54 7.28 -13.23
N ARG B 32 0.44 6.54 -13.74
CA ARG B 32 1.54 6.07 -12.90
C ARG B 32 2.38 7.23 -12.39
N PHE B 33 2.69 8.19 -13.27
CA PHE B 33 3.48 9.34 -12.85
C PHE B 33 2.76 10.15 -11.78
N GLN B 34 1.44 10.27 -11.88
N GLN B 34 1.44 10.27 -11.89
CA GLN B 34 0.69 11.01 -10.89
CA GLN B 34 0.67 11.01 -10.89
C GLN B 34 0.60 10.25 -9.57
C GLN B 34 0.61 10.25 -9.57
N ARG B 35 0.55 8.92 -9.63
CA ARG B 35 0.41 8.13 -8.41
C ARG B 35 1.73 7.94 -7.69
N THR B 36 2.83 7.76 -8.42
CA THR B 36 4.11 7.44 -7.81
C THR B 36 5.16 8.53 -7.99
N GLY B 37 4.89 9.55 -8.81
CA GLY B 37 5.90 10.56 -9.07
C GLY B 37 7.11 10.06 -9.84
N PHE B 38 7.00 8.88 -10.45
CA PHE B 38 8.17 8.22 -11.03
C PHE B 38 7.71 7.39 -12.23
N VAL B 39 8.39 7.57 -13.35
CA VAL B 39 8.16 6.76 -14.55
C VAL B 39 9.53 6.39 -15.12
N LYS B 40 9.80 5.10 -15.24
CA LYS B 40 11.08 4.62 -15.75
C LYS B 40 10.95 4.22 -17.21
N PHE B 41 11.95 4.61 -18.00
CA PHE B 41 12.03 4.24 -19.42
C PHE B 41 13.21 3.30 -19.58
N ASP B 42 12.94 2.00 -19.59
CA ASP B 42 13.98 0.99 -19.69
C ASP B 42 13.94 0.34 -21.07
N SER B 43 14.56 -0.84 -21.19
CA SER B 43 14.60 -1.52 -22.47
C SER B 43 13.22 -1.99 -22.92
N HIS B 44 12.30 -2.20 -21.97
CA HIS B 44 10.94 -2.61 -22.31
C HIS B 44 10.05 -1.44 -22.70
N MET B 45 10.54 -0.21 -22.56
CA MET B 45 9.77 0.97 -22.95
C MET B 45 10.70 2.15 -23.20
N ARG B 46 11.48 2.07 -24.28
CA ARG B 46 12.44 3.12 -24.59
C ARG B 46 11.72 4.42 -24.92
N ILE B 47 12.29 5.53 -24.48
CA ILE B 47 11.85 6.85 -24.88
C ILE B 47 12.82 7.52 -25.83
N VAL B 48 14.10 7.16 -25.78
CA VAL B 48 15.14 7.71 -26.65
C VAL B 48 15.87 6.54 -27.29
N PRO B 49 16.17 6.59 -28.59
CA PRO B 49 16.88 5.47 -29.22
C PRO B 49 18.23 5.22 -28.57
N GLU B 50 18.65 3.96 -28.59
CA GLU B 50 19.90 3.57 -27.96
C GLU B 50 21.10 4.25 -28.58
N GLU B 51 21.03 4.55 -29.88
CA GLU B 51 22.13 5.25 -30.54
C GLU B 51 22.32 6.64 -29.94
N LEU B 52 21.22 7.30 -29.57
CA LEU B 52 21.32 8.61 -28.94
C LEU B 52 21.71 8.51 -27.48
N ILE B 53 21.33 7.43 -26.79
CA ILE B 53 21.75 7.22 -25.42
C ILE B 53 23.26 7.03 -25.34
N THR B 54 23.81 6.21 -26.25
CA THR B 54 25.25 5.97 -26.27
C THR B 54 26.01 7.26 -26.54
N ALA B 55 25.47 8.12 -27.39
CA ALA B 55 26.13 9.39 -27.68
C ALA B 55 26.14 10.30 -26.45
N VAL B 56 25.03 10.35 -25.71
CA VAL B 56 24.99 11.16 -24.50
C VAL B 56 25.93 10.58 -23.44
N ARG B 57 26.07 9.25 -23.39
CA ARG B 57 27.00 8.64 -22.46
C ARG B 57 28.43 9.07 -22.75
N ALA B 58 28.80 9.11 -24.03
CA ALA B 58 30.15 9.54 -24.40
C ALA B 58 30.39 10.99 -24.02
N GLU B 59 29.41 11.86 -24.28
CA GLU B 59 29.54 13.26 -23.87
C GLU B 59 29.65 13.39 -22.36
N ALA B 60 28.88 12.57 -21.62
CA ALA B 60 28.93 12.65 -20.17
C ALA B 60 30.21 12.05 -19.62
N ASP B 61 30.70 10.96 -20.22
CA ASP B 61 31.98 10.41 -19.82
C ASP B 61 33.09 11.42 -20.00
N ARG B 62 33.07 12.16 -21.10
CA ARG B 62 34.09 13.18 -21.34
C ARG B 62 33.99 14.31 -20.34
N LEU B 63 32.77 14.77 -20.04
CA LEU B 63 32.60 15.88 -19.10
C LEU B 63 33.00 15.51 -17.69
N VAL B 64 32.87 14.23 -17.32
CA VAL B 64 33.25 13.81 -15.98
C VAL B 64 34.77 13.83 -15.82
N ARG B 65 35.50 13.34 -16.82
CA ARG B 65 36.96 13.30 -16.72
C ARG B 65 37.60 14.69 -16.81
N GLU B 66 36.84 15.72 -17.16
CA GLU B 66 37.38 17.06 -17.29
C GLU B 66 37.01 17.99 -16.13
N HIS B 67 35.78 17.90 -15.62
CA HIS B 67 35.28 18.85 -14.65
C HIS B 67 34.73 18.15 -13.41
N LYS B 68 35.40 17.08 -12.97
CA LYS B 68 34.94 16.32 -11.81
C LYS B 68 35.25 17.09 -10.53
N GLU B 69 34.20 17.45 -9.79
CA GLU B 69 34.33 18.14 -8.52
C GLU B 69 33.71 17.29 -7.43
N ARG B 70 34.49 16.94 -6.41
CA ARG B 70 34.01 16.07 -5.34
C ARG B 70 33.19 16.87 -4.33
N ARG B 71 32.14 16.23 -3.81
CA ARG B 71 31.28 16.81 -2.80
C ARG B 71 31.14 15.83 -1.65
N ASP B 72 31.31 16.33 -0.41
CA ASP B 72 31.18 15.50 0.79
C ASP B 72 30.69 16.42 1.91
N LEU B 73 29.37 16.48 2.08
CA LEU B 73 28.76 17.40 3.02
C LEU B 73 27.41 16.84 3.48
N VAL B 74 26.74 17.60 4.34
CA VAL B 74 25.37 17.34 4.75
C VAL B 74 24.58 18.63 4.61
N LEU B 75 23.34 18.53 4.14
CA LEU B 75 22.53 19.70 3.81
C LEU B 75 21.55 19.96 4.96
N GLY B 76 21.62 21.17 5.52
CA GLY B 76 20.74 21.50 6.64
C GLY B 76 19.28 21.58 6.23
N THR B 77 19.01 22.06 5.02
CA THR B 77 17.63 22.18 4.56
C THR B 77 16.96 20.83 4.30
N THR B 78 17.72 19.74 4.29
CA THR B 78 17.18 18.39 4.10
C THR B 78 17.49 17.51 5.30
N GLY B 79 17.37 18.08 6.50
CA GLY B 79 17.55 17.31 7.72
C GLY B 79 18.94 16.76 7.95
N GLY B 80 19.95 17.29 7.24
CA GLY B 80 21.30 16.80 7.42
C GLY B 80 21.65 15.57 6.61
N THR B 81 20.88 15.26 5.57
CA THR B 81 21.17 14.10 4.74
C THR B 81 22.47 14.33 3.97
N PRO B 82 23.25 13.27 3.74
CA PRO B 82 24.57 13.44 3.15
C PRO B 82 24.52 13.58 1.63
N ARG B 83 25.57 14.20 1.10
CA ARG B 83 25.83 14.29 -0.34
C ARG B 83 27.25 13.80 -0.55
N ASN B 84 27.40 12.52 -0.90
CA ASN B 84 28.71 11.89 -1.08
C ASN B 84 28.82 11.46 -2.55
N LEU B 85 29.22 12.40 -3.40
CA LEU B 85 29.34 12.15 -4.83
C LEU B 85 30.20 13.23 -5.45
N SER B 86 30.49 13.05 -6.74
CA SER B 86 31.17 14.05 -7.54
C SER B 86 30.19 14.67 -8.51
N VAL B 87 30.31 15.97 -8.73
CA VAL B 87 29.36 16.71 -9.57
C VAL B 87 30.11 17.36 -10.73
N VAL B 88 29.40 17.51 -11.84
CA VAL B 88 29.81 18.37 -12.94
C VAL B 88 28.81 19.51 -13.02
N LYS B 89 29.30 20.74 -12.88
CA LYS B 89 28.42 21.88 -12.74
C LYS B 89 27.57 22.08 -13.99
N SER B 90 26.49 22.86 -13.84
CA SER B 90 25.55 23.06 -14.92
C SER B 90 26.18 23.80 -16.09
N GLN B 91 27.03 24.78 -15.81
CA GLN B 91 27.65 25.57 -16.87
C GLN B 91 28.57 24.72 -17.73
N ASP B 92 29.18 23.68 -17.16
CA ASP B 92 30.04 22.80 -17.93
C ASP B 92 29.23 21.86 -18.81
N VAL B 93 28.17 21.26 -18.25
CA VAL B 93 27.32 20.37 -19.05
C VAL B 93 26.57 21.16 -20.11
N GLU B 94 26.26 22.43 -19.83
CA GLU B 94 25.53 23.25 -20.80
C GLU B 94 26.34 23.50 -22.07
N GLN B 95 27.67 23.31 -22.02
CA GLN B 95 28.49 23.48 -23.19
C GLN B 95 28.23 22.40 -24.25
N SER B 96 27.73 21.24 -23.85
CA SER B 96 27.46 20.16 -24.79
C SER B 96 26.24 20.50 -25.63
N ASP B 97 26.43 20.54 -26.95
CA ASP B 97 25.30 20.80 -27.85
C ASP B 97 24.37 19.60 -27.93
N LEU B 98 24.92 18.38 -27.86
CA LEU B 98 24.08 17.19 -27.89
C LEU B 98 23.17 17.12 -26.67
N ILE B 99 23.70 17.45 -25.49
CA ILE B 99 22.89 17.38 -24.28
C ILE B 99 21.84 18.49 -24.28
N ARG B 100 22.21 19.69 -24.75
CA ARG B 100 21.22 20.76 -24.85
C ARG B 100 20.14 20.44 -25.87
N ALA B 101 20.48 19.70 -26.93
CA ALA B 101 19.51 19.40 -27.96
C ALA B 101 18.50 18.36 -27.50
N VAL B 102 18.96 17.32 -26.78
CA VAL B 102 18.05 16.31 -26.27
C VAL B 102 17.26 16.79 -25.05
N THR B 103 17.77 17.80 -24.35
CA THR B 103 17.08 18.30 -23.16
C THR B 103 15.96 19.26 -23.53
N ARG B 104 16.25 20.20 -24.43
CA ARG B 104 15.30 21.24 -24.80
C ARG B 104 14.55 20.92 -26.09
N SER B 105 14.57 19.65 -26.52
CA SER B 105 13.86 19.24 -27.71
C SER B 105 12.35 19.44 -27.52
N GLU B 106 11.75 20.23 -28.42
CA GLU B 106 10.32 20.47 -28.33
C GLU B 106 9.52 19.18 -28.43
N VAL B 107 9.98 18.25 -29.28
CA VAL B 107 9.28 16.98 -29.45
C VAL B 107 9.25 16.21 -28.14
N LEU B 108 10.40 16.10 -27.47
CA LEU B 108 10.48 15.33 -26.24
C LEU B 108 9.67 15.98 -25.13
N LEU B 109 9.78 17.30 -24.97
CA LEU B 109 9.05 17.99 -23.92
C LEU B 109 7.55 17.92 -24.17
N THR B 110 7.12 18.05 -25.42
CA THR B 110 5.69 17.99 -25.74
C THR B 110 5.16 16.58 -25.55
N PHE B 111 5.96 15.56 -25.87
CA PHE B 111 5.57 14.19 -25.58
C PHE B 111 5.44 13.96 -24.08
N LEU B 112 6.45 14.37 -23.31
CA LEU B 112 6.44 14.16 -21.88
C LEU B 112 5.36 14.96 -21.17
N ALA B 113 4.85 16.03 -21.80
CA ALA B 113 3.75 16.77 -21.21
C ALA B 113 2.48 15.95 -21.10
N GLY B 114 2.34 14.91 -21.94
CA GLY B 114 1.21 14.00 -21.81
C GLY B 114 1.28 13.09 -20.60
N ILE B 115 2.50 12.85 -20.10
CA ILE B 115 2.68 12.06 -18.88
C ILE B 115 2.54 12.94 -17.64
N THR B 116 3.11 14.14 -17.67
CA THR B 116 2.95 15.08 -16.56
C THR B 116 1.58 15.74 -16.56
N ARG B 117 0.88 15.71 -17.70
CA ARG B 117 -0.44 16.35 -17.85
C ARG B 117 -0.38 17.86 -17.63
N GLU B 118 0.80 18.46 -17.84
CA GLU B 118 0.94 19.91 -17.80
C GLU B 118 2.15 20.30 -18.63
N ARG B 119 2.12 21.54 -19.12
CA ARG B 119 3.20 22.04 -19.95
C ARG B 119 4.53 22.03 -19.19
N ILE B 120 5.56 21.50 -19.82
CA ILE B 120 6.89 21.41 -19.24
C ILE B 120 7.73 22.55 -19.80
N ILE B 121 8.23 23.41 -18.91
CA ILE B 121 8.99 24.60 -19.28
C ILE B 121 10.47 24.33 -18.95
N PRO B 122 11.33 24.16 -19.96
CA PRO B 122 12.75 23.85 -19.72
C PRO B 122 13.58 25.05 -19.28
N GLU B 123 13.06 25.80 -18.31
CA GLU B 123 13.71 27.00 -17.83
C GLU B 123 13.87 26.91 -16.32
N VAL B 124 15.12 26.87 -15.87
CA VAL B 124 15.48 26.75 -14.46
C VAL B 124 16.70 27.62 -14.24
N SER B 125 16.89 28.09 -13.00
CA SER B 125 18.08 28.86 -12.66
C SER B 125 19.33 28.20 -13.23
N ASP B 126 20.22 29.04 -13.78
CA ASP B 126 21.32 28.54 -14.61
C ASP B 126 22.24 27.56 -13.88
N ASP B 127 22.23 27.56 -12.55
CA ASP B 127 23.06 26.62 -11.80
C ASP B 127 22.40 25.26 -11.62
N GLU B 128 21.15 25.09 -12.07
CA GLU B 128 20.44 23.83 -11.91
C GLU B 128 19.85 23.33 -13.23
N ARG B 129 20.22 23.95 -14.36
CA ARG B 129 19.70 23.49 -15.65
C ARG B 129 20.20 22.08 -15.97
N TYR B 130 21.47 21.80 -15.70
CA TYR B 130 22.05 20.50 -15.97
C TYR B 130 22.91 20.08 -14.80
N LEU B 131 23.18 18.78 -14.71
CA LEU B 131 24.00 18.24 -13.63
C LEU B 131 24.39 16.82 -13.97
N ILE B 132 25.61 16.44 -13.62
CA ILE B 132 26.08 15.07 -13.76
C ILE B 132 26.64 14.64 -12.40
N THR B 133 26.03 13.63 -11.81
CA THR B 133 26.50 13.07 -10.55
C THR B 133 27.31 11.81 -10.84
N HIS B 134 28.47 11.69 -10.21
CA HIS B 134 29.38 10.58 -10.42
C HIS B 134 29.74 9.99 -9.07
N GLN B 135 29.27 8.77 -8.80
CA GLN B 135 29.53 8.06 -7.56
C GLN B 135 30.40 6.85 -7.86
N GLU B 136 31.36 6.55 -6.98
CA GLU B 136 32.35 5.54 -7.28
C GLU B 136 32.90 4.85 -6.04
N PHE B 137 32.72 5.46 -4.87
CA PHE B 137 33.26 4.94 -3.62
C PHE B 137 32.15 4.35 -2.76
N ALA B 138 32.55 3.49 -1.83
CA ALA B 138 31.59 2.90 -0.90
C ALA B 138 30.95 4.00 -0.06
N SER B 139 29.66 3.81 0.25
CA SER B 139 28.82 4.73 1.00
C SER B 139 28.51 6.02 0.23
N ASP B 140 28.90 6.11 -1.03
CA ASP B 140 28.50 7.26 -1.85
C ASP B 140 26.98 7.27 -2.00
N THR B 141 26.38 8.43 -1.73
CA THR B 141 24.93 8.52 -1.74
C THR B 141 24.51 9.95 -2.06
N HIS B 142 23.31 10.07 -2.61
CA HIS B 142 22.61 11.33 -2.80
C HIS B 142 21.43 11.28 -1.84
N GLY B 143 21.63 11.81 -0.64
CA GLY B 143 20.68 11.59 0.45
C GLY B 143 19.30 12.16 0.19
N TRP B 144 18.40 11.86 1.13
CA TRP B 144 17.02 12.28 1.03
C TRP B 144 16.91 13.79 0.83
N HIS B 145 16.09 14.19 -0.14
CA HIS B 145 15.96 15.60 -0.47
C HIS B 145 14.74 15.79 -1.36
N TRP B 146 14.42 17.05 -1.62
CA TRP B 146 13.50 17.48 -2.66
C TRP B 146 14.24 18.41 -3.61
N ASP B 147 13.67 18.59 -4.80
CA ASP B 147 14.18 19.58 -5.73
C ASP B 147 13.34 20.85 -5.66
N ASP B 148 13.92 21.95 -6.14
CA ASP B 148 13.22 23.22 -6.16
C ASP B 148 12.16 23.30 -7.26
N TYR B 149 12.24 22.43 -8.26
CA TYR B 149 11.38 22.53 -9.43
C TYR B 149 10.59 21.24 -9.62
N SER B 150 9.56 21.31 -10.46
CA SER B 150 8.57 20.24 -10.53
C SER B 150 9.14 18.96 -11.10
N PHE B 151 9.95 19.05 -12.16
CA PHE B 151 10.32 17.87 -12.93
C PHE B 151 11.83 17.69 -12.95
N ALA B 152 12.24 16.43 -12.98
CA ALA B 152 13.64 16.05 -13.16
C ALA B 152 13.68 14.89 -14.13
N PHE B 153 14.40 15.07 -15.24
CA PHE B 153 14.58 14.05 -16.26
C PHE B 153 15.99 13.51 -16.13
N ASN B 154 16.12 12.21 -15.85
CA ASN B 154 17.38 11.61 -15.47
C ASN B 154 17.81 10.57 -16.50
N TRP B 155 19.12 10.52 -16.76
CA TRP B 155 19.72 9.57 -17.67
C TRP B 155 20.64 8.66 -16.85
N ALA B 156 20.22 7.41 -16.62
CA ALA B 156 21.04 6.43 -15.92
C ALA B 156 22.04 5.86 -16.92
N LEU B 157 23.10 6.65 -17.17
CA LEU B 157 24.05 6.30 -18.22
C LEU B 157 24.96 5.16 -17.80
N ARG B 158 25.40 5.16 -16.54
CA ARG B 158 26.22 4.09 -16.00
C ARG B 158 25.65 3.68 -14.64
N MET B 159 25.22 2.42 -14.54
CA MET B 159 24.64 1.90 -13.31
C MET B 159 25.38 0.65 -12.89
N PRO B 160 25.76 0.53 -11.61
CA PRO B 160 26.35 -0.71 -11.12
C PRO B 160 25.29 -1.79 -10.98
N PRO B 161 25.70 -3.04 -10.79
CA PRO B 161 24.70 -4.09 -10.49
C PRO B 161 23.91 -3.73 -9.24
N ILE B 162 22.65 -4.18 -9.23
CA ILE B 162 21.72 -3.79 -8.16
C ILE B 162 22.25 -4.21 -6.79
N ALA B 163 23.02 -5.30 -6.73
CA ALA B 163 23.58 -5.75 -5.46
C ALA B 163 24.54 -4.73 -4.86
N SER B 164 25.12 -3.86 -5.68
CA SER B 164 26.02 -2.82 -5.20
C SER B 164 25.29 -1.57 -4.72
N GLY B 165 23.97 -1.56 -4.77
CA GLY B 165 23.21 -0.38 -4.39
C GLY B 165 22.99 0.56 -5.56
N GLY B 166 22.69 1.80 -5.22
CA GLY B 166 22.47 2.82 -6.23
C GLY B 166 21.05 2.91 -6.76
N MET B 167 20.11 2.20 -6.17
CA MET B 167 18.72 2.34 -6.57
C MET B 167 18.18 3.71 -6.16
N VAL B 168 17.06 4.09 -6.76
CA VAL B 168 16.36 5.32 -6.41
C VAL B 168 15.21 4.96 -5.50
N GLN B 169 15.15 5.60 -4.33
CA GLN B 169 14.04 5.45 -3.42
C GLN B 169 13.21 6.73 -3.43
N ALA B 170 11.90 6.57 -3.23
CA ALA B 170 10.99 7.69 -3.45
C ALA B 170 9.82 7.61 -2.48
N VAL B 171 9.39 8.78 -2.01
CA VAL B 171 8.16 8.92 -1.23
C VAL B 171 7.33 10.01 -1.89
N PRO B 172 6.32 9.67 -2.68
CA PRO B 172 5.54 10.69 -3.37
C PRO B 172 4.57 11.39 -2.44
N HIS B 173 4.00 12.49 -2.96
CA HIS B 173 2.94 13.23 -2.26
C HIS B 173 3.43 13.79 -0.93
N THR B 174 4.63 14.37 -0.95
CA THR B 174 5.20 15.09 0.18
C THR B 174 5.51 16.52 -0.26
N HIS B 175 6.21 17.26 0.60
CA HIS B 175 6.60 18.63 0.26
C HIS B 175 7.84 19.00 1.07
N TRP B 176 8.62 19.93 0.51
CA TRP B 176 9.87 20.36 1.11
C TRP B 176 9.60 21.55 2.02
N ASP B 177 9.69 21.32 3.32
CA ASP B 177 9.66 22.40 4.32
C ASP B 177 11.11 22.62 4.74
N LYS B 178 11.73 23.69 4.22
CA LYS B 178 13.13 23.94 4.50
C LYS B 178 13.37 24.34 5.95
N ASN B 179 12.33 24.74 6.68
CA ASN B 179 12.46 25.02 8.10
C ASN B 179 12.30 23.79 8.98
N ALA B 180 11.51 22.81 8.53
CA ALA B 180 11.32 21.56 9.27
C ALA B 180 11.14 20.44 8.27
N PRO B 181 12.24 19.89 7.74
CA PRO B 181 12.12 18.86 6.70
C PRO B 181 11.44 17.61 7.18
N ARG B 182 11.71 17.17 8.40
CA ARG B 182 11.09 15.98 9.00
C ARG B 182 11.26 14.76 8.10
N ILE B 183 12.53 14.49 7.77
CA ILE B 183 12.87 13.39 6.85
C ILE B 183 12.43 12.05 7.44
N ASN B 184 13.00 11.68 8.58
CA ASN B 184 12.72 10.37 9.16
C ASN B 184 11.29 10.29 9.67
N GLU B 185 10.69 11.42 10.08
CA GLU B 185 9.29 11.41 10.45
C GLU B 185 8.40 11.06 9.26
N THR B 186 8.78 11.54 8.07
CA THR B 186 8.02 11.21 6.86
C THR B 186 8.10 9.73 6.54
N LEU B 187 9.27 9.11 6.77
CA LEU B 187 9.41 7.68 6.52
C LEU B 187 8.53 6.87 7.47
N CYS B 188 8.40 7.31 8.71
CA CYS B 188 7.55 6.59 9.67
C CYS B 188 6.07 6.71 9.34
N GLU B 189 5.67 7.77 8.63
CA GLU B 189 4.27 7.97 8.28
C GLU B 189 3.90 7.40 6.91
N ARG B 190 4.89 7.06 6.09
CA ARG B 190 4.65 6.71 4.70
C ARG B 190 5.45 5.45 4.34
N GLN B 191 5.22 4.95 3.13
CA GLN B 191 5.98 3.83 2.60
C GLN B 191 6.97 4.32 1.55
N ILE B 192 8.03 3.53 1.35
CA ILE B 192 9.11 3.87 0.44
C ILE B 192 9.03 2.99 -0.78
N ASP B 193 9.12 3.60 -1.96
CA ASP B 193 9.21 2.87 -3.22
C ASP B 193 10.65 2.86 -3.69
N THR B 194 11.15 1.69 -4.07
CA THR B 194 12.51 1.52 -4.53
C THR B 194 12.50 1.15 -6.01
N TYR B 195 13.34 1.82 -6.80
CA TYR B 195 13.39 1.62 -8.24
C TYR B 195 14.82 1.29 -8.64
N GLY B 196 15.02 0.11 -9.22
CA GLY B 196 16.32 -0.25 -9.75
C GLY B 196 16.54 0.33 -11.14
N LEU B 197 17.80 0.54 -11.49
CA LEU B 197 18.16 1.12 -12.77
C LEU B 197 19.33 0.37 -13.36
N VAL B 198 19.26 0.08 -14.66
CA VAL B 198 20.38 -0.47 -15.40
C VAL B 198 20.86 0.59 -16.39
N SER B 199 22.10 0.41 -16.85
CA SER B 199 22.73 1.39 -17.71
C SER B 199 21.90 1.61 -18.98
N GLY B 200 21.62 2.88 -19.27
CA GLY B 200 20.82 3.24 -20.42
C GLY B 200 19.38 3.57 -20.10
N ASP B 201 18.94 3.37 -18.86
CA ASP B 201 17.58 3.71 -18.48
C ASP B 201 17.45 5.20 -18.25
N LEU B 202 16.26 5.72 -18.51
CA LEU B 202 15.91 7.10 -18.21
C LEU B 202 14.64 7.09 -17.35
N TYR B 203 14.48 8.11 -16.53
CA TYR B 203 13.26 8.19 -15.74
C TYR B 203 12.87 9.65 -15.51
N LEU B 204 11.56 9.86 -15.42
CA LEU B 204 10.98 11.16 -15.10
C LEU B 204 10.56 11.18 -13.64
N LEU B 205 10.81 12.30 -12.97
CA LEU B 205 10.56 12.42 -11.54
C LEU B 205 9.80 13.71 -11.26
N ARG B 206 8.71 13.60 -10.52
CA ARG B 206 8.04 14.77 -9.94
C ARG B 206 8.84 15.16 -8.69
N SER B 207 9.95 15.84 -8.92
CA SER B 207 11.01 15.98 -7.92
C SER B 207 10.69 16.99 -6.81
N ASP B 208 9.60 17.74 -6.92
CA ASP B 208 9.28 18.71 -5.89
C ASP B 208 8.37 18.15 -4.80
N THR B 209 7.52 17.17 -5.13
CA THR B 209 6.66 16.54 -4.14
C THR B 209 7.03 15.11 -3.84
N THR B 210 8.09 14.59 -4.47
CA THR B 210 8.57 13.23 -4.22
C THR B 210 9.90 13.32 -3.48
N MET B 211 9.89 13.04 -2.18
CA MET B 211 11.14 12.91 -1.44
C MET B 211 11.90 11.70 -1.95
N HIS B 212 13.16 11.90 -2.31
CA HIS B 212 13.89 10.85 -2.99
C HIS B 212 15.36 10.87 -2.60
N ARG B 213 16.02 9.74 -2.82
CA ARG B 213 17.44 9.58 -2.57
C ARG B 213 17.95 8.43 -3.42
N THR B 214 19.26 8.26 -3.44
CA THR B 214 19.91 7.10 -4.04
C THR B 214 20.45 6.21 -2.93
N VAL B 215 20.20 4.91 -3.04
CA VAL B 215 20.68 3.98 -2.02
C VAL B 215 22.21 3.99 -2.01
N PRO B 216 22.85 4.13 -0.85
CA PRO B 216 24.31 4.21 -0.83
C PRO B 216 24.96 3.00 -1.46
N LEU B 217 26.06 3.25 -2.18
CA LEU B 217 26.81 2.17 -2.81
C LEU B 217 27.50 1.31 -1.76
N THR B 218 27.52 0.01 -1.98
CA THR B 218 28.10 -0.93 -1.04
C THR B 218 29.50 -1.38 -1.43
N GLU B 219 29.96 -1.07 -2.63
CA GLU B 219 31.27 -1.48 -3.11
C GLU B 219 31.98 -0.30 -3.77
N ASP B 220 33.29 -0.24 -3.57
CA ASP B 220 34.10 0.73 -4.31
C ASP B 220 34.24 0.28 -5.76
N GLY B 221 34.40 1.26 -6.65
CA GLY B 221 34.48 0.96 -8.06
C GLY B 221 33.17 0.59 -8.71
N ALA B 222 32.04 0.81 -8.04
CA ALA B 222 30.72 0.61 -8.62
C ALA B 222 30.25 1.95 -9.16
N VAL B 223 30.69 2.28 -10.37
CA VAL B 223 30.49 3.61 -10.92
C VAL B 223 29.01 3.85 -11.20
N ARG B 224 28.55 5.06 -10.85
CA ARG B 224 27.15 5.44 -11.05
C ARG B 224 27.14 6.86 -11.61
N THR B 225 26.90 6.96 -12.92
CA THR B 225 26.91 8.24 -13.62
C THR B 225 25.49 8.59 -14.04
N MET B 226 24.97 9.69 -13.52
CA MET B 226 23.60 10.11 -13.77
C MET B 226 23.61 11.52 -14.35
N LEU B 227 22.88 11.71 -15.45
CA LEU B 227 22.68 13.03 -16.04
C LEU B 227 21.31 13.54 -15.58
N VAL B 228 21.31 14.60 -14.79
CA VAL B 228 20.09 15.16 -14.22
C VAL B 228 19.85 16.52 -14.86
N VAL B 229 18.74 16.63 -15.60
CA VAL B 229 18.29 17.91 -16.13
C VAL B 229 17.01 18.29 -15.38
N SER B 230 16.86 19.58 -15.09
CA SER B 230 15.75 20.08 -14.29
C SER B 230 14.84 20.93 -15.17
N TRP B 231 13.54 20.66 -15.09
CA TRP B 231 12.52 21.45 -15.75
C TRP B 231 11.54 21.96 -14.71
N SER B 232 10.70 22.89 -15.11
CA SER B 232 9.73 23.50 -14.22
C SER B 232 8.36 23.50 -14.86
N ALA B 233 7.34 23.59 -14.01
CA ALA B 233 5.99 23.87 -14.46
C ALA B 233 5.76 25.38 -14.44
N GLU B 234 4.56 25.81 -14.83
CA GLU B 234 4.24 27.24 -14.80
C GLU B 234 4.30 27.79 -13.38
N ARG B 235 4.15 26.93 -12.36
CA ARG B 235 4.16 27.37 -10.97
C ARG B 235 5.55 27.64 -10.44
N ASP B 236 6.61 27.22 -11.14
CA ASP B 236 7.97 27.34 -10.64
C ASP B 236 8.80 28.39 -11.37
N LEU B 237 8.20 29.14 -12.30
CA LEU B 237 8.97 30.01 -13.19
C LEU B 237 9.73 31.10 -12.44
N GLY B 238 9.01 32.03 -11.82
CA GLY B 238 9.66 33.10 -11.08
C GLY B 238 9.96 32.72 -9.64
N LYS B 239 10.31 31.46 -9.42
CA LYS B 239 10.55 30.98 -8.07
C LYS B 239 11.79 31.65 -7.48
N VAL B 240 11.68 32.10 -6.24
CA VAL B 240 12.81 32.70 -5.51
C VAL B 240 13.43 31.60 -4.66
N LEU B 241 14.64 31.19 -5.03
CA LEU B 241 15.35 30.13 -4.32
C LEU B 241 15.64 30.54 -2.88
N THR B 242 14.83 30.06 -1.94
CA THR B 242 14.92 30.48 -0.56
C THR B 242 15.54 29.41 0.34
N GLY B 243 16.71 28.91 -0.04
CA GLY B 243 17.32 27.82 0.70
C GLY B 243 18.70 28.08 1.24
N ASN B 244 19.54 28.78 0.48
CA ASN B 244 20.97 28.89 0.77
C ASN B 244 21.59 27.49 0.92
N ASP B 245 21.12 26.57 0.07
CA ASP B 245 21.50 25.17 0.16
C ASP B 245 22.00 24.62 -1.17
N ARG B 246 22.29 25.47 -2.14
CA ARG B 246 22.68 25.04 -3.48
C ARG B 246 24.14 24.57 -3.41
N TRP B 247 24.30 23.37 -2.85
CA TRP B 247 25.63 22.83 -2.58
C TRP B 247 26.36 22.42 -3.86
N TRP B 248 25.61 22.08 -4.91
CA TRP B 248 26.25 21.59 -6.13
C TRP B 248 26.98 22.72 -6.86
N GLU B 249 26.39 23.93 -6.88
CA GLU B 249 27.05 25.06 -7.52
C GLU B 249 28.06 25.72 -6.59
N ASN B 250 27.63 26.06 -5.38
CA ASN B 250 28.49 26.69 -4.37
C ASN B 250 28.70 25.73 -3.21
N PRO B 251 29.86 25.07 -3.11
CA PRO B 251 30.05 24.09 -2.03
C PRO B 251 30.02 24.69 -0.64
N GLU B 252 30.23 26.00 -0.51
CA GLU B 252 30.17 26.67 0.79
C GLU B 252 28.83 27.33 1.04
N ALA B 253 27.74 26.64 0.69
CA ALA B 253 26.41 27.17 0.97
C ALA B 253 26.17 27.22 2.48
N GLY B 254 25.16 27.99 2.87
CA GLY B 254 24.87 28.15 4.29
C GLY B 254 24.42 26.86 4.95
N ALA B 255 23.56 26.10 4.27
CA ALA B 255 23.05 24.87 4.83
C ALA B 255 23.99 23.68 4.68
N ALA B 256 25.09 23.84 3.95
CA ALA B 256 26.02 22.74 3.70
C ALA B 256 27.07 22.70 4.79
N GLN B 257 27.11 21.61 5.54
CA GLN B 257 28.12 21.37 6.57
C GLN B 257 29.06 20.27 6.13
N PRO B 258 30.37 20.49 6.15
CA PRO B 258 31.30 19.47 5.66
C PRO B 258 31.43 18.31 6.63
N VAL B 259 31.74 17.14 6.09
CA VAL B 259 31.94 15.93 6.89
C VAL B 259 33.36 15.40 6.67
N ASP C 5 -10.57 -41.18 -15.76
CA ASP C 5 -10.64 -42.14 -14.65
C ASP C 5 -10.16 -41.48 -13.36
N VAL C 6 -10.83 -41.82 -12.25
CA VAL C 6 -10.52 -41.18 -10.98
C VAL C 6 -9.17 -41.60 -10.43
N HIS C 7 -8.58 -42.68 -10.95
CA HIS C 7 -7.28 -43.15 -10.48
C HIS C 7 -6.11 -42.49 -11.20
N GLU C 8 -6.31 -42.05 -12.44
CA GLU C 8 -5.26 -41.38 -13.21
C GLU C 8 -5.06 -39.93 -12.80
N ILE C 9 -5.86 -39.41 -11.86
CA ILE C 9 -5.82 -37.98 -11.56
C ILE C 9 -4.54 -37.63 -10.81
N ASP C 10 -4.22 -38.39 -9.74
CA ASP C 10 -3.02 -38.11 -8.97
C ASP C 10 -1.76 -38.27 -9.82
N GLU C 11 -1.75 -39.26 -10.72
CA GLU C 11 -0.62 -39.43 -11.61
C GLU C 11 -0.54 -38.31 -12.64
N THR C 12 -1.69 -37.76 -13.04
CA THR C 12 -1.69 -36.66 -14.01
C THR C 12 -1.25 -35.35 -13.37
N LEU C 13 -1.76 -35.04 -12.18
CA LEU C 13 -1.39 -33.79 -11.51
C LEU C 13 0.08 -33.79 -11.11
N GLU C 14 0.57 -34.92 -10.59
CA GLU C 14 1.97 -34.99 -10.18
C GLU C 14 2.91 -34.71 -11.35
N LYS C 15 2.55 -35.16 -12.55
CA LYS C 15 3.36 -34.86 -13.72
C LYS C 15 3.16 -33.43 -14.19
N PHE C 16 1.93 -32.91 -14.09
CA PHE C 16 1.66 -31.56 -14.56
C PHE C 16 2.26 -30.51 -13.62
N LEU C 17 2.17 -30.74 -12.31
CA LEU C 17 2.67 -29.76 -11.35
C LEU C 17 4.19 -29.74 -11.31
N ALA C 18 4.83 -30.90 -11.37
CA ALA C 18 6.28 -30.95 -11.34
C ALA C 18 6.90 -30.41 -12.62
N GLU C 19 6.13 -30.27 -13.68
CA GLU C 19 6.65 -29.79 -14.95
C GLU C 19 6.48 -28.29 -15.14
N ASN C 20 5.49 -27.69 -14.49
CA ASN C 20 5.19 -26.27 -14.66
C ASN C 20 5.63 -25.41 -13.49
N TYR C 21 6.06 -25.99 -12.38
CA TYR C 21 6.37 -25.23 -11.17
C TYR C 21 7.73 -25.62 -10.63
N THR C 22 8.50 -24.62 -10.22
CA THR C 22 9.77 -24.75 -9.55
C THR C 22 9.63 -24.45 -8.07
N PRO C 23 10.56 -24.90 -7.23
CA PRO C 23 10.46 -24.58 -5.79
C PRO C 23 10.42 -23.09 -5.52
N GLU C 24 11.26 -22.30 -6.20
CA GLU C 24 11.25 -20.85 -5.99
C GLU C 24 9.93 -20.23 -6.43
N ARG C 25 9.33 -20.76 -7.49
CA ARG C 25 8.05 -20.23 -7.96
C ARG C 25 6.95 -20.45 -6.94
N VAL C 26 6.92 -21.64 -6.32
CA VAL C 26 5.91 -21.91 -5.30
C VAL C 26 6.07 -20.95 -4.12
N GLN C 27 7.31 -20.59 -3.79
CA GLN C 27 7.54 -19.65 -2.70
C GLN C 27 7.12 -18.24 -3.07
N GLN C 28 7.22 -17.87 -4.35
CA GLN C 28 6.72 -16.57 -4.78
C GLN C 28 5.21 -16.49 -4.61
N LEU C 29 4.49 -17.57 -4.95
CA LEU C 29 3.05 -17.58 -4.78
C LEU C 29 2.67 -17.58 -3.30
N ALA C 30 3.46 -18.27 -2.47
CA ALA C 30 3.17 -18.30 -1.04
C ALA C 30 3.25 -16.90 -0.44
N ASP C 31 4.31 -16.15 -0.78
CA ASP C 31 4.39 -14.76 -0.34
C ASP C 31 3.20 -13.96 -0.84
N ARG C 32 2.82 -14.15 -2.11
CA ARG C 32 1.63 -13.49 -2.63
C ARG C 32 0.39 -13.91 -1.85
N PHE C 33 0.28 -15.19 -1.52
CA PHE C 33 -0.89 -15.67 -0.79
C PHE C 33 -0.94 -15.11 0.62
N GLN C 34 0.20 -15.03 1.30
CA GLN C 34 0.22 -14.47 2.65
C GLN C 34 -0.11 -12.97 2.62
N ARG C 35 0.37 -12.26 1.60
CA ARG C 35 0.18 -10.81 1.56
C ARG C 35 -1.26 -10.45 1.18
N THR C 36 -1.85 -11.16 0.23
CA THR C 36 -3.15 -10.81 -0.31
C THR C 36 -4.28 -11.76 0.08
N GLY C 37 -3.95 -12.95 0.58
CA GLY C 37 -4.98 -13.94 0.83
C GLY C 37 -5.63 -14.48 -0.43
N PHE C 38 -5.01 -14.28 -1.59
CA PHE C 38 -5.62 -14.62 -2.86
C PHE C 38 -4.53 -14.94 -3.87
N VAL C 39 -4.66 -16.08 -4.54
CA VAL C 39 -3.78 -16.46 -5.64
C VAL C 39 -4.64 -17.02 -6.75
N LYS C 40 -4.53 -16.44 -7.95
CA LYS C 40 -5.32 -16.86 -9.10
C LYS C 40 -4.46 -17.68 -10.05
N PHE C 41 -4.95 -18.86 -10.43
CA PHE C 41 -4.30 -19.72 -11.41
C PHE C 41 -5.07 -19.56 -12.73
N ASP C 42 -4.57 -18.66 -13.58
CA ASP C 42 -5.24 -18.38 -14.84
C ASP C 42 -4.50 -19.03 -16.01
N SER C 43 -4.59 -18.42 -17.19
CA SER C 43 -3.96 -19.01 -18.37
C SER C 43 -2.44 -18.99 -18.27
N HIS C 44 -1.87 -17.96 -17.65
CA HIS C 44 -0.42 -17.83 -17.56
C HIS C 44 0.18 -18.64 -16.42
N MET C 45 -0.63 -19.36 -15.65
CA MET C 45 -0.12 -20.19 -14.55
C MET C 45 -1.15 -21.23 -14.12
N ARG C 46 -1.32 -22.27 -14.93
CA ARG C 46 -2.34 -23.29 -14.66
C ARG C 46 -1.97 -24.11 -13.44
N ILE C 47 -2.99 -24.55 -12.71
CA ILE C 47 -2.80 -25.43 -11.56
C ILE C 47 -3.29 -26.82 -11.93
N VAL C 48 -4.29 -26.89 -12.80
CA VAL C 48 -4.92 -28.13 -13.23
C VAL C 48 -4.97 -28.14 -14.75
N PRO C 49 -4.68 -29.27 -15.39
CA PRO C 49 -4.73 -29.32 -16.86
C PRO C 49 -6.10 -28.95 -17.40
N GLU C 50 -6.10 -28.35 -18.59
CA GLU C 50 -7.35 -27.85 -19.17
C GLU C 50 -8.33 -28.97 -19.46
N GLU C 51 -7.83 -30.16 -19.82
CA GLU C 51 -8.71 -31.30 -20.06
C GLU C 51 -9.48 -31.67 -18.79
N LEU C 52 -8.85 -31.54 -17.63
CA LEU C 52 -9.52 -31.81 -16.36
C LEU C 52 -10.44 -30.68 -15.94
N ILE C 53 -10.19 -29.45 -16.41
CA ILE C 53 -11.08 -28.34 -16.08
C ILE C 53 -12.40 -28.50 -16.83
N THR C 54 -12.34 -28.81 -18.13
CA THR C 54 -13.56 -28.99 -18.91
C THR C 54 -14.36 -30.18 -18.39
N ALA C 55 -13.69 -31.22 -17.90
CA ALA C 55 -14.40 -32.34 -17.30
C ALA C 55 -15.15 -31.90 -16.04
N VAL C 56 -14.50 -31.12 -15.18
CA VAL C 56 -15.16 -30.60 -13.99
C VAL C 56 -16.28 -29.63 -14.38
N ARG C 57 -16.05 -28.83 -15.41
CA ARG C 57 -17.10 -27.92 -15.88
C ARG C 57 -18.33 -28.70 -16.33
N ALA C 58 -18.13 -29.84 -17.00
CA ALA C 58 -19.26 -30.64 -17.47
C ALA C 58 -20.04 -31.22 -16.31
N GLU C 59 -19.33 -31.69 -15.27
CA GLU C 59 -20.02 -32.28 -14.12
C GLU C 59 -20.78 -31.23 -13.32
N ALA C 60 -20.31 -29.98 -13.33
CA ALA C 60 -21.01 -28.92 -12.63
C ALA C 60 -22.23 -28.43 -13.40
N ASP C 61 -22.21 -28.52 -14.72
CA ASP C 61 -23.35 -28.05 -15.52
C ASP C 61 -24.58 -28.91 -15.27
N ARG C 62 -24.42 -30.23 -15.18
CA ARG C 62 -25.56 -31.09 -14.94
C ARG C 62 -26.08 -30.95 -13.52
N LEU C 63 -25.20 -30.72 -12.55
CA LEU C 63 -25.64 -30.51 -11.18
C LEU C 63 -26.47 -29.24 -11.04
N VAL C 64 -26.14 -28.21 -11.81
CA VAL C 64 -26.96 -26.99 -11.79
C VAL C 64 -28.29 -27.24 -12.49
N ARG C 65 -28.28 -28.01 -13.58
CA ARG C 65 -29.52 -28.35 -14.27
C ARG C 65 -30.37 -29.34 -13.50
N GLU C 66 -29.84 -29.96 -12.44
CA GLU C 66 -30.56 -30.96 -11.66
C GLU C 66 -31.00 -30.42 -10.31
N HIS C 67 -30.06 -29.94 -9.49
CA HIS C 67 -30.32 -29.59 -8.10
C HIS C 67 -30.12 -28.10 -7.85
N LYS C 68 -30.60 -27.27 -8.77
CA LYS C 68 -30.53 -25.82 -8.58
C LYS C 68 -31.56 -25.38 -7.54
N GLU C 69 -31.14 -24.52 -6.63
CA GLU C 69 -32.03 -23.95 -5.62
C GLU C 69 -31.71 -22.47 -5.47
N ARG C 70 -32.64 -21.61 -5.86
CA ARG C 70 -32.43 -20.18 -5.79
C ARG C 70 -32.39 -19.70 -4.35
N ARG C 71 -31.56 -18.69 -4.10
CA ARG C 71 -31.44 -18.06 -2.79
C ARG C 71 -31.52 -16.56 -2.95
N ASP C 72 -32.46 -15.93 -2.24
CA ASP C 72 -32.62 -14.47 -2.26
C ASP C 72 -32.90 -14.04 -0.83
N LEU C 73 -31.86 -13.63 -0.11
CA LEU C 73 -31.97 -13.34 1.31
C LEU C 73 -30.84 -12.39 1.72
N VAL C 74 -30.78 -12.10 3.02
CA VAL C 74 -29.68 -11.38 3.63
C VAL C 74 -29.28 -12.13 4.89
N LEU C 75 -28.00 -12.00 5.28
CA LEU C 75 -27.44 -12.75 6.38
C LEU C 75 -27.07 -11.80 7.51
N GLY C 76 -27.66 -12.03 8.69
CA GLY C 76 -27.43 -11.13 9.81
C GLY C 76 -26.01 -11.21 10.36
N THR C 77 -25.43 -12.40 10.36
CA THR C 77 -24.07 -12.58 10.88
C THR C 77 -23.04 -11.86 10.03
N THR C 78 -23.35 -11.54 8.77
CA THR C 78 -22.49 -10.76 7.91
C THR C 78 -23.03 -9.35 7.68
N GLY C 79 -23.71 -8.80 8.69
CA GLY C 79 -24.19 -7.43 8.60
C GLY C 79 -25.29 -7.19 7.61
N GLY C 80 -26.08 -8.22 7.28
CA GLY C 80 -27.17 -8.05 6.35
C GLY C 80 -26.78 -8.03 4.88
N THR C 81 -25.57 -8.48 4.55
CA THR C 81 -25.16 -8.51 3.16
C THR C 81 -26.04 -9.49 2.38
N PRO C 82 -26.32 -9.19 1.11
CA PRO C 82 -27.27 -9.99 0.35
C PRO C 82 -26.65 -11.27 -0.20
N ARG C 83 -27.53 -12.25 -0.44
CA ARG C 83 -27.21 -13.48 -1.16
C ARG C 83 -28.25 -13.65 -2.25
N ASN C 84 -27.86 -13.41 -3.50
CA ASN C 84 -28.78 -13.49 -4.65
C ASN C 84 -28.13 -14.37 -5.72
N LEU C 85 -28.30 -15.68 -5.58
CA LEU C 85 -27.74 -16.65 -6.53
C LEU C 85 -28.44 -17.99 -6.32
N SER C 86 -28.05 -18.96 -7.14
CA SER C 86 -28.55 -20.32 -7.05
C SER C 86 -27.46 -21.24 -6.53
N VAL C 87 -27.83 -22.16 -5.64
CA VAL C 87 -26.85 -23.03 -4.99
C VAL C 87 -27.15 -24.48 -5.33
N VAL C 88 -26.11 -25.30 -5.26
CA VAL C 88 -26.22 -26.75 -5.30
C VAL C 88 -25.57 -27.28 -4.02
N LYS C 89 -26.38 -27.91 -3.18
CA LYS C 89 -25.96 -28.25 -1.82
C LYS C 89 -24.75 -29.18 -1.83
N SER C 90 -24.05 -29.21 -0.68
CA SER C 90 -22.81 -29.97 -0.58
C SER C 90 -23.03 -31.45 -0.79
N GLN C 91 -24.12 -32.00 -0.25
CA GLN C 91 -24.38 -33.43 -0.40
C GLN C 91 -24.66 -33.81 -1.85
N ASP C 92 -25.27 -32.89 -2.62
CA ASP C 92 -25.55 -33.18 -4.02
C ASP C 92 -24.29 -33.12 -4.88
N VAL C 93 -23.37 -32.19 -4.56
CA VAL C 93 -22.13 -32.10 -5.31
C VAL C 93 -21.19 -33.24 -4.91
N GLU C 94 -21.25 -33.68 -3.66
CA GLU C 94 -20.36 -34.74 -3.18
C GLU C 94 -20.60 -36.07 -3.87
N GLN C 95 -21.80 -36.29 -4.43
CA GLN C 95 -22.06 -37.54 -5.14
C GLN C 95 -21.16 -37.70 -6.35
N SER C 96 -20.68 -36.60 -6.91
CA SER C 96 -19.75 -36.66 -8.03
C SER C 96 -18.42 -37.24 -7.58
N ASP C 97 -17.94 -38.26 -8.31
CA ASP C 97 -16.64 -38.84 -8.00
C ASP C 97 -15.50 -38.04 -8.61
N LEU C 98 -15.76 -37.34 -9.72
CA LEU C 98 -14.73 -36.52 -10.34
C LEU C 98 -14.35 -35.35 -9.47
N ILE C 99 -15.35 -34.59 -9.00
CA ILE C 99 -15.10 -33.46 -8.12
C ILE C 99 -14.49 -33.94 -6.80
N ARG C 100 -14.98 -35.06 -6.28
CA ARG C 100 -14.46 -35.58 -5.02
C ARG C 100 -13.01 -36.02 -5.13
N ALA C 101 -12.58 -36.46 -6.32
CA ALA C 101 -11.22 -36.94 -6.49
C ALA C 101 -10.24 -35.79 -6.60
N VAL C 102 -10.56 -34.78 -7.43
CA VAL C 102 -9.65 -33.65 -7.59
C VAL C 102 -9.62 -32.78 -6.33
N THR C 103 -10.72 -32.76 -5.57
CA THR C 103 -10.76 -31.98 -4.34
C THR C 103 -9.83 -32.56 -3.29
N ARG C 104 -9.94 -33.86 -3.04
CA ARG C 104 -9.19 -34.51 -1.97
C ARG C 104 -7.89 -35.13 -2.46
N SER C 105 -7.44 -34.79 -3.66
CA SER C 105 -6.21 -35.36 -4.21
C SER C 105 -5.03 -35.04 -3.30
N GLU C 106 -4.31 -36.10 -2.88
CA GLU C 106 -3.15 -35.89 -2.03
C GLU C 106 -2.07 -35.10 -2.74
N VAL C 107 -2.01 -35.18 -4.07
CA VAL C 107 -0.99 -34.45 -4.82
C VAL C 107 -1.34 -32.96 -4.85
N LEU C 108 -2.59 -32.63 -5.17
CA LEU C 108 -2.99 -31.23 -5.22
C LEU C 108 -2.88 -30.57 -3.85
N LEU C 109 -3.25 -31.29 -2.79
CA LEU C 109 -3.21 -30.72 -1.45
C LEU C 109 -1.77 -30.53 -0.98
N THR C 110 -0.88 -31.47 -1.31
CA THR C 110 0.51 -31.34 -0.91
C THR C 110 1.17 -30.17 -1.64
N PHE C 111 0.85 -29.98 -2.92
CA PHE C 111 1.38 -28.84 -3.65
C PHE C 111 0.86 -27.52 -3.08
N LEU C 112 -0.47 -27.42 -2.91
CA LEU C 112 -1.06 -26.20 -2.39
C LEU C 112 -0.66 -25.92 -0.95
N ALA C 113 -0.16 -26.94 -0.23
CA ALA C 113 0.39 -26.70 1.09
C ALA C 113 1.66 -25.86 1.04
N GLY C 114 2.37 -25.85 -0.09
CA GLY C 114 3.52 -24.99 -0.24
C GLY C 114 3.18 -23.53 -0.42
N ILE C 115 1.95 -23.23 -0.84
CA ILE C 115 1.49 -21.86 -0.98
C ILE C 115 0.90 -21.34 0.33
N THR C 116 0.18 -22.21 1.05
CA THR C 116 -0.35 -21.84 2.37
C THR C 116 0.68 -21.96 3.47
N ARG C 117 1.75 -22.74 3.26
CA ARG C 117 2.80 -22.99 4.25
C ARG C 117 2.24 -23.65 5.51
N GLU C 118 1.12 -24.37 5.38
CA GLU C 118 0.58 -25.15 6.49
C GLU C 118 -0.24 -26.28 5.91
N ARG C 119 -0.46 -27.30 6.74
CA ARG C 119 -1.14 -28.51 6.30
C ARG C 119 -2.58 -28.21 5.90
N ILE C 120 -2.96 -28.67 4.71
CA ILE C 120 -4.33 -28.51 4.23
C ILE C 120 -5.12 -29.76 4.57
N ILE C 121 -6.18 -29.60 5.33
CA ILE C 121 -6.97 -30.73 5.82
C ILE C 121 -8.33 -30.70 5.15
N PRO C 122 -8.59 -31.59 4.18
CA PRO C 122 -9.88 -31.54 3.47
C PRO C 122 -11.04 -32.09 4.30
N GLU C 123 -11.21 -31.58 5.52
CA GLU C 123 -12.28 -32.01 6.40
C GLU C 123 -13.03 -30.78 6.89
N VAL C 124 -14.33 -30.74 6.61
CA VAL C 124 -15.16 -29.57 6.84
C VAL C 124 -16.57 -30.06 7.12
N SER C 125 -17.34 -29.26 7.87
CA SER C 125 -18.74 -29.55 8.12
C SER C 125 -19.43 -30.07 6.87
N ASP C 126 -20.22 -31.13 7.05
CA ASP C 126 -20.71 -31.90 5.91
C ASP C 126 -21.50 -31.07 4.92
N ASP C 127 -22.15 -30.00 5.39
CA ASP C 127 -22.95 -29.14 4.53
C ASP C 127 -22.13 -28.02 3.89
N GLU C 128 -20.80 -28.09 3.96
CA GLU C 128 -19.95 -27.05 3.40
C GLU C 128 -18.71 -27.60 2.70
N ARG C 129 -18.61 -28.92 2.52
CA ARG C 129 -17.42 -29.49 1.89
C ARG C 129 -17.31 -29.07 0.43
N TYR C 130 -18.45 -28.95 -0.25
CA TYR C 130 -18.49 -28.52 -1.64
C TYR C 130 -19.68 -27.59 -1.84
N LEU C 131 -19.60 -26.76 -2.87
CA LEU C 131 -20.69 -25.86 -3.17
C LEU C 131 -20.56 -25.37 -4.60
N ILE C 132 -21.71 -25.18 -5.25
CA ILE C 132 -21.77 -24.61 -6.59
C ILE C 132 -22.72 -23.41 -6.54
N THR C 133 -22.23 -22.26 -6.98
CA THR C 133 -23.04 -21.05 -7.05
C THR C 133 -23.28 -20.70 -8.51
N HIS C 134 -24.54 -20.43 -8.86
CA HIS C 134 -24.92 -20.10 -10.23
C HIS C 134 -25.65 -18.77 -10.20
N GLN C 135 -25.06 -17.76 -10.83
CA GLN C 135 -25.64 -16.43 -10.93
C GLN C 135 -26.03 -16.17 -12.38
N GLU C 136 -27.23 -15.62 -12.57
CA GLU C 136 -27.73 -15.46 -13.94
C GLU C 136 -28.70 -14.30 -14.10
N PHE C 137 -28.85 -13.40 -13.13
CA PHE C 137 -29.75 -12.27 -13.22
C PHE C 137 -28.98 -10.99 -12.90
N ALA C 138 -29.62 -9.86 -13.19
CA ALA C 138 -29.04 -8.57 -12.84
C ALA C 138 -29.00 -8.41 -11.33
N SER C 139 -27.94 -7.78 -10.84
CA SER C 139 -27.69 -7.54 -9.41
C SER C 139 -27.48 -8.82 -8.62
N ASP C 140 -27.30 -9.96 -9.29
CA ASP C 140 -26.94 -11.18 -8.59
C ASP C 140 -25.57 -11.04 -7.94
N THR C 141 -25.48 -11.38 -6.65
CA THR C 141 -24.24 -11.16 -5.93
C THR C 141 -24.14 -12.13 -4.76
N HIS C 142 -22.90 -12.39 -4.35
CA HIS C 142 -22.59 -13.10 -3.12
C HIS C 142 -21.93 -12.07 -2.21
N GLY C 143 -22.70 -11.52 -1.28
CA GLY C 143 -22.29 -10.34 -0.54
C GLY C 143 -21.09 -10.58 0.36
N TRP C 144 -20.61 -9.48 0.94
CA TRP C 144 -19.45 -9.51 1.82
C TRP C 144 -19.64 -10.51 2.94
N HIS C 145 -18.61 -11.33 3.19
CA HIS C 145 -18.68 -12.34 4.23
C HIS C 145 -17.27 -12.87 4.49
N TRP C 146 -17.17 -13.67 5.54
CA TRP C 146 -16.04 -14.56 5.78
C TRP C 146 -16.54 -15.99 5.73
N ASP C 147 -15.61 -16.93 5.68
CA ASP C 147 -15.93 -18.34 5.77
C ASP C 147 -15.52 -18.87 7.15
N ASP C 148 -16.18 -19.96 7.57
CA ASP C 148 -15.86 -20.55 8.86
C ASP C 148 -14.48 -21.21 8.85
N TYR C 149 -14.00 -21.63 7.69
CA TYR C 149 -12.76 -22.37 7.57
C TYR C 149 -11.72 -21.57 6.81
N SER C 150 -10.47 -22.02 6.91
CA SER C 150 -9.33 -21.19 6.52
C SER C 150 -9.20 -21.06 5.01
N PHE C 151 -9.49 -22.12 4.27
CA PHE C 151 -9.16 -22.18 2.86
C PHE C 151 -10.41 -22.33 2.01
N ALA C 152 -10.31 -21.82 0.78
CA ALA C 152 -11.37 -21.97 -0.22
C ALA C 152 -10.69 -22.12 -1.58
N PHE C 153 -10.85 -23.29 -2.19
CA PHE C 153 -10.35 -23.55 -3.53
C PHE C 153 -11.54 -23.51 -4.49
N ASN C 154 -11.51 -22.56 -5.41
CA ASN C 154 -12.68 -22.26 -6.24
C ASN C 154 -12.36 -22.45 -7.71
N TRP C 155 -13.38 -22.82 -8.47
CA TRP C 155 -13.27 -23.10 -9.91
C TRP C 155 -14.18 -22.13 -10.66
N ALA C 156 -13.57 -21.13 -11.31
CA ALA C 156 -14.32 -20.19 -12.13
C ALA C 156 -14.67 -20.87 -13.47
N LEU C 157 -15.64 -21.78 -13.39
CA LEU C 157 -15.97 -22.62 -14.53
C LEU C 157 -16.65 -21.82 -15.63
N ARG C 158 -17.44 -20.81 -15.27
CA ARG C 158 -18.14 -19.98 -16.26
C ARG C 158 -18.16 -18.55 -15.73
N MET C 159 -17.43 -17.66 -16.38
CA MET C 159 -17.34 -16.27 -15.97
C MET C 159 -17.82 -15.35 -17.09
N PRO C 160 -18.68 -14.39 -16.80
CA PRO C 160 -19.08 -13.41 -17.82
C PRO C 160 -17.94 -12.45 -18.12
N PRO C 161 -18.07 -11.59 -19.13
CA PRO C 161 -17.04 -10.57 -19.35
C PRO C 161 -16.87 -9.67 -18.15
N ILE C 162 -15.67 -9.11 -18.01
CA ILE C 162 -15.35 -8.28 -16.85
C ILE C 162 -16.32 -7.12 -16.74
N ALA C 163 -16.72 -6.55 -17.88
CA ALA C 163 -17.68 -5.45 -17.87
C ALA C 163 -19.04 -5.85 -17.32
N SER C 164 -19.36 -7.14 -17.35
CA SER C 164 -20.63 -7.61 -16.82
CA SER C 164 -20.63 -7.61 -16.82
C SER C 164 -20.61 -7.82 -15.31
N GLY C 165 -19.45 -7.68 -14.67
CA GLY C 165 -19.33 -7.88 -13.25
C GLY C 165 -18.88 -9.28 -12.89
N GLY C 166 -19.22 -9.68 -11.68
CA GLY C 166 -18.86 -11.00 -11.19
C GLY C 166 -17.43 -11.12 -10.71
N MET C 167 -16.69 -10.03 -10.59
CA MET C 167 -15.35 -10.09 -10.05
C MET C 167 -15.38 -10.42 -8.56
N VAL C 168 -14.25 -10.88 -8.05
CA VAL C 168 -14.08 -11.14 -6.63
C VAL C 168 -13.39 -9.94 -6.01
N GLN C 169 -14.03 -9.34 -5.00
CA GLN C 169 -13.42 -8.29 -4.21
C GLN C 169 -13.02 -8.85 -2.85
N ALA C 170 -11.88 -8.39 -2.34
CA ALA C 170 -11.29 -8.99 -1.15
C ALA C 170 -10.66 -7.92 -0.27
N VAL C 171 -10.72 -8.15 1.03
CA VAL C 171 -10.04 -7.32 2.03
C VAL C 171 -9.31 -8.28 2.97
N PRO C 172 -8.01 -8.51 2.77
CA PRO C 172 -7.29 -9.50 3.58
C PRO C 172 -7.00 -8.98 4.98
N HIS C 173 -6.50 -9.91 5.81
CA HIS C 173 -6.02 -9.59 7.16
C HIS C 173 -7.12 -8.99 8.03
N THR C 174 -8.32 -9.54 7.92
CA THR C 174 -9.45 -9.20 8.77
C THR C 174 -9.87 -10.44 9.56
N HIS C 175 -11.00 -10.34 10.26
CA HIS C 175 -11.54 -11.50 10.97
C HIS C 175 -13.04 -11.35 11.10
N TRP C 176 -13.71 -12.47 11.33
CA TRP C 176 -15.17 -12.52 11.38
C TRP C 176 -15.63 -12.47 12.83
N ASP C 177 -16.36 -11.42 13.17
CA ASP C 177 -17.02 -11.30 14.47
C ASP C 177 -18.52 -11.37 14.20
N LYS C 178 -19.12 -12.54 14.45
CA LYS C 178 -20.54 -12.72 14.13
C LYS C 178 -21.43 -11.83 14.98
N ASN C 179 -20.95 -11.36 16.13
CA ASN C 179 -21.74 -10.44 16.95
C ASN C 179 -21.75 -9.03 16.36
N ALA C 180 -20.62 -8.61 15.78
CA ALA C 180 -20.51 -7.27 15.19
C ALA C 180 -19.57 -7.35 13.99
N PRO C 181 -20.10 -7.75 12.83
CA PRO C 181 -19.22 -7.95 11.66
C PRO C 181 -18.57 -6.69 11.16
N ARG C 182 -19.23 -5.53 11.25
CA ARG C 182 -18.65 -4.24 10.87
C ARG C 182 -18.17 -4.26 9.43
N ILE C 183 -19.08 -4.62 8.51
CA ILE C 183 -18.72 -4.76 7.10
C ILE C 183 -18.24 -3.42 6.54
N ASN C 184 -19.10 -2.40 6.60
CA ASN C 184 -18.74 -1.10 6.04
C ASN C 184 -17.68 -0.39 6.86
N GLU C 185 -17.66 -0.61 8.18
CA GLU C 185 -16.60 -0.05 9.00
C GLU C 185 -15.23 -0.58 8.56
N THR C 186 -15.18 -1.86 8.19
CA THR C 186 -13.95 -2.45 7.67
C THR C 186 -13.54 -1.79 6.35
N LEU C 187 -14.51 -1.51 5.48
CA LEU C 187 -14.20 -0.87 4.21
C LEU C 187 -13.62 0.52 4.41
N CYS C 188 -14.15 1.27 5.38
CA CYS C 188 -13.66 2.62 5.64
C CYS C 188 -12.25 2.62 6.23
N GLU C 189 -11.78 1.49 6.74
CA GLU C 189 -10.46 1.40 7.35
C GLU C 189 -9.43 0.72 6.46
N ARG C 190 -9.86 0.09 5.37
CA ARG C 190 -8.98 -0.73 4.56
C ARG C 190 -9.19 -0.43 3.08
N GLN C 191 -8.34 -1.01 2.25
CA GLN C 191 -8.44 -0.92 0.80
C GLN C 191 -8.95 -2.23 0.24
N ILE C 192 -9.73 -2.13 -0.84
CA ILE C 192 -10.36 -3.29 -1.47
C ILE C 192 -9.54 -3.69 -2.68
N ASP C 193 -9.26 -4.99 -2.81
CA ASP C 193 -8.65 -5.57 -3.98
C ASP C 193 -9.72 -6.24 -4.83
N THR C 194 -9.66 -6.01 -6.14
CA THR C 194 -10.62 -6.59 -7.08
C THR C 194 -9.89 -7.53 -8.02
N TYR C 195 -10.43 -8.73 -8.18
CA TYR C 195 -9.81 -9.78 -9.00
C TYR C 195 -10.79 -10.20 -10.09
N GLY C 196 -10.42 -9.93 -11.34
CA GLY C 196 -11.22 -10.40 -12.46
C GLY C 196 -10.92 -11.85 -12.79
N LEU C 197 -11.95 -12.58 -13.20
CA LEU C 197 -11.84 -14.00 -13.50
C LEU C 197 -12.38 -14.27 -14.90
N VAL C 198 -11.76 -15.22 -15.59
CA VAL C 198 -12.25 -15.72 -16.87
C VAL C 198 -12.61 -17.18 -16.70
N SER C 199 -13.43 -17.69 -17.63
CA SER C 199 -13.88 -19.06 -17.55
C SER C 199 -12.69 -20.02 -17.62
N GLY C 200 -12.61 -20.92 -16.64
CA GLY C 200 -11.52 -21.87 -16.54
C GLY C 200 -10.49 -21.53 -15.48
N ASP C 201 -10.55 -20.33 -14.90
CA ASP C 201 -9.60 -19.95 -13.87
C ASP C 201 -9.96 -20.61 -12.54
N LEU C 202 -8.95 -20.79 -11.69
CA LEU C 202 -9.10 -21.28 -10.34
C LEU C 202 -8.38 -20.34 -9.40
N TYR C 203 -8.81 -20.29 -8.14
CA TYR C 203 -8.11 -19.45 -7.18
C TYR C 203 -8.23 -20.03 -5.78
N LEU C 204 -7.14 -19.91 -5.03
CA LEU C 204 -7.08 -20.31 -3.63
C LEU C 204 -7.28 -19.06 -2.77
N LEU C 205 -8.19 -19.14 -1.82
CA LEU C 205 -8.56 -18.01 -0.98
C LEU C 205 -8.35 -18.35 0.49
N ARG C 206 -7.70 -17.45 1.21
CA ARG C 206 -7.62 -17.52 2.67
C ARG C 206 -8.94 -16.98 3.22
N SER C 207 -9.96 -17.84 3.18
CA SER C 207 -11.35 -17.42 3.32
C SER C 207 -11.73 -17.02 4.74
N ASP C 208 -10.91 -17.33 5.75
CA ASP C 208 -11.28 -17.01 7.13
C ASP C 208 -10.85 -15.62 7.57
N THR C 209 -9.75 -15.11 7.00
CA THR C 209 -9.26 -13.77 7.35
C THR C 209 -9.38 -12.77 6.20
N THR C 210 -9.97 -13.17 5.08
CA THR C 210 -10.13 -12.29 3.92
C THR C 210 -11.62 -12.06 3.70
N MET C 211 -12.10 -10.89 4.12
CA MET C 211 -13.46 -10.50 3.80
C MET C 211 -13.60 -10.37 2.29
N HIS C 212 -14.55 -11.12 1.71
CA HIS C 212 -14.66 -11.19 0.27
C HIS C 212 -16.11 -11.18 -0.17
N ARG C 213 -16.31 -10.94 -1.46
CA ARG C 213 -17.64 -10.93 -2.07
C ARG C 213 -17.46 -11.06 -3.58
N THR C 214 -18.59 -11.11 -4.28
CA THR C 214 -18.60 -11.03 -5.73
C THR C 214 -19.32 -9.75 -6.15
N VAL C 215 -18.80 -9.10 -7.18
CA VAL C 215 -19.39 -7.84 -7.64
C VAL C 215 -20.73 -8.13 -8.32
N PRO C 216 -21.80 -7.41 -7.96
CA PRO C 216 -23.11 -7.71 -8.53
C PRO C 216 -23.12 -7.66 -10.05
N LEU C 217 -23.80 -8.64 -10.65
CA LEU C 217 -23.89 -8.69 -12.10
C LEU C 217 -24.69 -7.50 -12.63
N THR C 218 -24.25 -6.96 -13.77
CA THR C 218 -24.85 -5.77 -14.35
C THR C 218 -25.91 -6.06 -15.39
N GLU C 219 -25.95 -7.29 -15.93
CA GLU C 219 -26.89 -7.64 -16.98
C GLU C 219 -27.55 -8.97 -16.65
N ASP C 220 -28.75 -9.17 -17.19
CA ASP C 220 -29.50 -10.40 -16.98
C ASP C 220 -28.97 -11.58 -17.80
N GLY C 221 -28.14 -11.32 -18.80
CA GLY C 221 -27.65 -12.40 -19.65
C GLY C 221 -26.40 -13.07 -19.12
N ALA C 222 -25.67 -12.38 -18.23
CA ALA C 222 -24.43 -12.91 -17.69
C ALA C 222 -24.69 -14.16 -16.87
N VAL C 223 -23.79 -15.13 -16.99
CA VAL C 223 -23.88 -16.40 -16.26
C VAL C 223 -22.56 -16.63 -15.53
N ARG C 224 -22.64 -16.89 -14.24
CA ARG C 224 -21.46 -17.06 -13.39
C ARG C 224 -21.62 -18.34 -12.59
N THR C 225 -20.81 -19.36 -12.93
CA THR C 225 -20.85 -20.66 -12.28
C THR C 225 -19.52 -20.90 -11.58
N MET C 226 -19.57 -21.09 -10.26
CA MET C 226 -18.37 -21.22 -9.45
C MET C 226 -18.48 -22.47 -8.59
N LEU C 227 -17.46 -23.33 -8.66
CA LEU C 227 -17.38 -24.51 -7.80
C LEU C 227 -16.54 -24.15 -6.57
N VAL C 228 -17.19 -24.10 -5.41
CA VAL C 228 -16.55 -23.68 -4.17
C VAL C 228 -16.24 -24.91 -3.33
N VAL C 229 -15.00 -25.01 -2.87
CA VAL C 229 -14.53 -26.13 -2.07
C VAL C 229 -13.84 -25.58 -0.83
N SER C 230 -14.28 -26.02 0.35
CA SER C 230 -13.76 -25.52 1.61
C SER C 230 -12.79 -26.52 2.22
N TRP C 231 -11.64 -26.04 2.64
CA TRP C 231 -10.64 -26.82 3.34
C TRP C 231 -10.36 -26.19 4.70
N SER C 232 -9.67 -26.94 5.55
CA SER C 232 -9.36 -26.50 6.90
C SER C 232 -7.86 -26.51 7.14
N ALA C 233 -7.44 -25.70 8.09
CA ALA C 233 -6.15 -25.84 8.73
C ALA C 233 -6.31 -26.62 10.02
N GLU C 234 -5.19 -26.95 10.66
CA GLU C 234 -5.25 -27.71 11.90
C GLU C 234 -6.02 -26.96 12.98
N ARG C 235 -6.05 -25.63 12.89
CA ARG C 235 -6.76 -24.81 13.87
C ARG C 235 -8.28 -24.81 13.68
N ASP C 236 -8.77 -25.39 12.58
CA ASP C 236 -10.19 -25.37 12.26
C ASP C 236 -10.90 -26.69 12.53
N LEU C 237 -10.18 -27.73 12.95
CA LEU C 237 -10.80 -29.03 13.12
C LEU C 237 -11.83 -29.03 14.23
N GLY C 238 -11.71 -28.12 15.20
CA GLY C 238 -12.71 -27.97 16.23
C GLY C 238 -14.10 -27.76 15.66
N LYS C 239 -14.26 -26.64 14.94
CA LYS C 239 -15.48 -26.37 14.17
C LYS C 239 -16.73 -26.41 15.06
N VAL C 240 -16.71 -25.57 16.09
CA VAL C 240 -17.92 -25.35 16.91
C VAL C 240 -18.66 -24.20 16.24
N LEU C 241 -19.56 -24.56 15.32
CA LEU C 241 -20.24 -23.57 14.50
C LEU C 241 -21.29 -22.83 15.31
N THR C 242 -21.43 -21.53 15.03
CA THR C 242 -22.35 -20.66 15.74
C THR C 242 -23.05 -19.74 14.75
N GLY C 243 -24.00 -18.96 15.24
CA GLY C 243 -24.66 -17.95 14.46
C GLY C 243 -25.93 -18.40 13.77
N ASN C 244 -26.08 -19.69 13.49
CA ASN C 244 -27.21 -20.23 12.73
C ASN C 244 -27.36 -19.49 11.40
N ASP C 245 -26.27 -19.47 10.63
CA ASP C 245 -26.19 -18.66 9.42
C ASP C 245 -25.87 -19.50 8.19
N ARG C 246 -26.15 -20.80 8.23
CA ARG C 246 -25.86 -21.69 7.10
C ARG C 246 -27.02 -21.59 6.11
N TRP C 247 -27.01 -20.49 5.36
CA TRP C 247 -28.11 -20.18 4.45
C TRP C 247 -28.12 -21.08 3.23
N TRP C 248 -26.96 -21.59 2.82
CA TRP C 248 -26.90 -22.39 1.60
C TRP C 248 -27.53 -23.76 1.82
N GLU C 249 -27.35 -24.35 3.00
CA GLU C 249 -27.94 -25.66 3.29
C GLU C 249 -29.43 -25.52 3.59
N ASN C 250 -29.76 -24.86 4.70
CA ASN C 250 -31.15 -24.61 5.06
C ASN C 250 -31.42 -23.11 5.01
N PRO C 251 -32.20 -22.62 4.04
CA PRO C 251 -32.47 -21.18 3.98
C PRO C 251 -33.29 -20.66 5.15
N GLU C 252 -34.00 -21.54 5.87
CA GLU C 252 -34.80 -21.16 7.02
C GLU C 252 -33.96 -20.91 8.27
N ALA C 253 -32.67 -20.66 8.12
CA ALA C 253 -31.80 -20.43 9.26
C ALA C 253 -32.20 -19.14 9.98
N GLY C 254 -31.80 -19.05 11.26
CA GLY C 254 -32.18 -17.91 12.07
C GLY C 254 -31.63 -16.60 11.54
N ALA C 255 -30.35 -16.59 11.20
CA ALA C 255 -29.69 -15.39 10.69
C ALA C 255 -30.01 -15.11 9.23
N ALA C 256 -30.96 -15.83 8.64
CA ALA C 256 -31.31 -15.67 7.22
C ALA C 256 -32.69 -15.02 7.13
N GLN C 257 -32.71 -13.78 6.65
CA GLN C 257 -33.97 -13.07 6.42
C GLN C 257 -34.19 -12.92 4.92
N PRO C 258 -35.18 -13.59 4.34
CA PRO C 258 -35.37 -13.53 2.89
C PRO C 258 -35.76 -12.14 2.42
N VAL C 259 -35.48 -11.89 1.14
CA VAL C 259 -35.78 -10.62 0.49
C VAL C 259 -36.53 -10.92 -0.81
N HIS C 260 -37.69 -10.31 -0.99
CA HIS C 260 -38.51 -10.53 -2.17
C HIS C 260 -38.01 -9.70 -3.34
N VAL D 6 -25.69 36.86 4.07
CA VAL D 6 -24.74 37.10 3.00
C VAL D 6 -23.90 38.33 3.31
N HIS D 7 -22.94 38.63 2.43
CA HIS D 7 -22.08 39.80 2.61
C HIS D 7 -21.01 39.54 3.66
N GLU D 8 -21.44 39.29 4.89
CA GLU D 8 -20.52 39.00 5.99
C GLU D 8 -20.06 37.55 6.01
N ILE D 9 -20.37 36.77 4.97
CA ILE D 9 -19.93 35.39 4.93
C ILE D 9 -18.42 35.31 4.71
N ASP D 10 -17.90 36.16 3.82
CA ASP D 10 -16.46 36.15 3.56
C ASP D 10 -15.65 36.50 4.80
N GLU D 11 -16.22 37.29 5.70
CA GLU D 11 -15.51 37.63 6.93
C GLU D 11 -15.60 36.51 7.97
N THR D 12 -16.72 35.78 8.00
CA THR D 12 -16.84 34.66 8.92
C THR D 12 -15.86 33.55 8.55
N LEU D 13 -15.75 33.22 7.27
CA LEU D 13 -14.82 32.19 6.84
C LEU D 13 -13.37 32.63 7.03
N GLU D 14 -13.08 33.92 6.86
CA GLU D 14 -11.70 34.40 6.99
C GLU D 14 -11.19 34.20 8.42
N LYS D 15 -11.98 34.59 9.41
CA LYS D 15 -11.55 34.44 10.79
C LYS D 15 -11.56 32.98 11.22
N PHE D 16 -12.49 32.18 10.70
CA PHE D 16 -12.56 30.78 11.09
C PHE D 16 -11.37 29.99 10.54
N LEU D 17 -11.04 30.20 9.26
CA LEU D 17 -9.92 29.49 8.66
C LEU D 17 -8.60 29.92 9.28
N ALA D 18 -8.47 31.20 9.63
CA ALA D 18 -7.24 31.68 10.25
C ALA D 18 -7.07 31.18 11.67
N GLU D 19 -8.16 30.80 12.33
CA GLU D 19 -8.09 30.34 13.72
C GLU D 19 -7.87 28.84 13.85
N ASN D 20 -8.11 28.07 12.79
CA ASN D 20 -8.01 26.62 12.85
C ASN D 20 -6.97 26.03 11.91
N TYR D 21 -6.27 26.83 11.11
CA TYR D 21 -5.36 26.30 10.11
C TYR D 21 -4.06 27.09 10.10
N THR D 22 -2.95 26.38 10.27
CA THR D 22 -1.62 26.89 10.08
C THR D 22 -1.16 26.67 8.64
N PRO D 23 -0.14 27.38 8.17
CA PRO D 23 0.37 27.10 6.83
C PRO D 23 0.90 25.69 6.66
N GLU D 24 1.38 25.07 7.74
CA GLU D 24 1.88 23.71 7.66
C GLU D 24 0.74 22.70 7.55
N ARG D 25 -0.36 22.96 8.25
CA ARG D 25 -1.51 22.07 8.15
C ARG D 25 -2.12 22.08 6.76
N VAL D 26 -2.06 23.22 6.06
CA VAL D 26 -2.57 23.29 4.71
C VAL D 26 -1.72 22.44 3.76
N GLN D 27 -0.40 22.50 3.92
CA GLN D 27 0.48 21.70 3.07
C GLN D 27 0.29 20.20 3.32
N GLN D 28 0.04 19.82 4.57
CA GLN D 28 -0.23 18.42 4.87
C GLN D 28 -1.53 17.96 4.21
N LEU D 29 -2.53 18.85 4.15
CA LEU D 29 -3.77 18.52 3.45
C LEU D 29 -3.54 18.47 1.94
N ALA D 30 -2.72 19.38 1.42
CA ALA D 30 -2.38 19.35 0.00
C ALA D 30 -1.66 18.05 -0.36
N ASP D 31 -0.79 17.57 0.54
CA ASP D 31 -0.12 16.30 0.31
C ASP D 31 -1.12 15.15 0.32
N ARG D 32 -2.07 15.16 1.26
CA ARG D 32 -3.09 14.12 1.29
C ARG D 32 -3.98 14.20 0.06
N PHE D 33 -4.38 15.42 -0.33
CA PHE D 33 -5.24 15.57 -1.50
C PHE D 33 -4.56 15.08 -2.77
N GLN D 34 -3.25 15.31 -2.88
CA GLN D 34 -2.52 14.80 -4.04
C GLN D 34 -2.41 13.29 -4.00
N ARG D 35 -2.31 12.69 -2.82
CA ARG D 35 -2.13 11.25 -2.70
C ARG D 35 -3.43 10.50 -2.92
N THR D 36 -4.55 11.01 -2.38
CA THR D 36 -5.81 10.29 -2.40
C THR D 36 -6.87 10.93 -3.28
N GLY D 37 -6.65 12.15 -3.78
CA GLY D 37 -7.69 12.84 -4.51
C GLY D 37 -8.90 13.18 -3.68
N PHE D 38 -8.77 13.17 -2.36
CA PHE D 38 -9.91 13.28 -1.45
C PHE D 38 -9.41 13.83 -0.12
N VAL D 39 -10.10 14.84 0.40
CA VAL D 39 -9.83 15.37 1.73
C VAL D 39 -11.15 15.59 2.44
N LYS D 40 -11.38 14.88 3.54
CA LYS D 40 -12.62 15.00 4.29
C LYS D 40 -12.46 16.01 5.42
N PHE D 41 -13.38 16.97 5.48
CA PHE D 41 -13.42 17.98 6.54
C PHE D 41 -14.51 17.57 7.52
N ASP D 42 -14.13 16.78 8.53
CA ASP D 42 -15.07 16.29 9.52
C ASP D 42 -14.97 17.15 10.79
N SER D 43 -15.59 16.67 11.87
CA SER D 43 -15.69 17.47 13.09
C SER D 43 -14.33 17.79 13.69
N HIS D 44 -13.36 16.90 13.50
CA HIS D 44 -12.01 17.15 14.03
C HIS D 44 -11.17 18.05 13.12
N MET D 45 -11.73 18.53 12.01
CA MET D 45 -11.04 19.47 11.16
C MET D 45 -12.05 20.23 10.29
N ARG D 46 -12.81 21.12 10.91
CA ARG D 46 -13.83 21.86 10.19
C ARG D 46 -13.19 22.86 9.23
N ILE D 47 -13.83 23.03 8.07
CA ILE D 47 -13.46 24.10 7.15
C ILE D 47 -14.50 25.22 7.15
N VAL D 48 -15.76 24.92 7.44
CA VAL D 48 -16.83 25.91 7.48
C VAL D 48 -17.47 25.82 8.86
N PRO D 49 -17.71 26.94 9.54
CA PRO D 49 -18.27 26.88 10.89
C PRO D 49 -19.68 26.29 10.88
N GLU D 50 -20.11 25.87 12.07
CA GLU D 50 -21.43 25.24 12.21
C GLU D 50 -22.55 26.20 11.83
N GLU D 51 -22.36 27.50 12.05
CA GLU D 51 -23.40 28.47 11.74
C GLU D 51 -23.77 28.41 10.25
N LEU D 52 -22.79 28.27 9.38
CA LEU D 52 -23.06 28.21 7.95
C LEU D 52 -23.54 26.83 7.52
N ILE D 53 -22.96 25.77 8.09
CA ILE D 53 -23.37 24.41 7.73
C ILE D 53 -24.85 24.21 8.03
N THR D 54 -25.33 24.70 9.17
CA THR D 54 -26.74 24.60 9.49
C THR D 54 -27.59 25.41 8.53
N ALA D 55 -27.13 26.61 8.17
CA ALA D 55 -27.89 27.46 7.25
C ALA D 55 -27.94 26.86 5.85
N VAL D 56 -26.82 26.27 5.40
CA VAL D 56 -26.81 25.63 4.09
C VAL D 56 -27.72 24.42 4.08
N ARG D 57 -27.73 23.64 5.17
CA ARG D 57 -28.65 22.50 5.26
C ARG D 57 -30.10 22.95 5.24
N ALA D 58 -30.39 24.11 5.83
CA ALA D 58 -31.77 24.62 5.80
C ALA D 58 -32.18 25.01 4.39
N GLU D 59 -31.28 25.65 3.64
CA GLU D 59 -31.57 25.97 2.24
C GLU D 59 -31.77 24.72 1.42
N ALA D 60 -30.90 23.72 1.59
CA ALA D 60 -31.01 22.49 0.81
C ALA D 60 -32.31 21.75 1.14
N ASP D 61 -32.68 21.71 2.43
CA ASP D 61 -33.93 21.07 2.80
C ASP D 61 -35.13 21.76 2.16
N ARG D 62 -35.08 23.09 2.05
CA ARG D 62 -36.14 23.82 1.37
C ARG D 62 -36.16 23.46 -0.11
N LEU D 63 -35.00 23.46 -0.76
CA LEU D 63 -34.94 23.15 -2.19
C LEU D 63 -35.41 21.72 -2.46
N VAL D 64 -35.05 20.78 -1.58
CA VAL D 64 -35.52 19.41 -1.74
C VAL D 64 -37.02 19.33 -1.49
N ARG D 65 -37.50 20.04 -0.47
CA ARG D 65 -38.93 20.05 -0.17
C ARG D 65 -39.73 20.63 -1.33
N GLU D 66 -39.27 21.75 -1.89
CA GLU D 66 -39.94 22.35 -3.04
C GLU D 66 -39.84 21.44 -4.26
N HIS D 67 -38.69 20.78 -4.44
CA HIS D 67 -38.54 19.86 -5.57
C HIS D 67 -39.55 18.73 -5.50
N LYS D 68 -39.83 18.22 -4.29
CA LYS D 68 -40.82 17.16 -4.15
C LYS D 68 -42.23 17.71 -4.33
N GLU D 69 -42.52 18.87 -3.75
CA GLU D 69 -43.85 19.47 -3.92
C GLU D 69 -44.13 19.76 -5.38
N ARG D 70 -43.12 20.22 -6.13
CA ARG D 70 -43.31 20.47 -7.56
C ARG D 70 -43.34 19.19 -8.37
N ARG D 71 -42.62 18.15 -7.93
CA ARG D 71 -42.67 16.89 -8.66
C ARG D 71 -44.05 16.23 -8.53
N ASP D 72 -44.63 16.28 -7.33
CA ASP D 72 -45.94 15.68 -7.13
C ASP D 72 -47.01 16.38 -7.96
N LEU D 73 -46.88 17.70 -8.16
CA LEU D 73 -47.85 18.42 -8.98
C LEU D 73 -47.74 17.99 -10.44
N VAL D 74 -46.52 17.82 -10.95
CA VAL D 74 -46.34 17.44 -12.35
C VAL D 74 -46.89 16.05 -12.61
N LEU D 75 -46.58 15.10 -11.72
CA LEU D 75 -47.05 13.73 -11.90
C LEU D 75 -48.49 13.57 -11.42
N GLY D 76 -48.69 13.64 -10.10
CA GLY D 76 -50.01 13.49 -9.53
C GLY D 76 -50.07 12.45 -8.42
N LEU D 85 -35.60 8.83 -5.75
CA LEU D 85 -34.37 9.61 -5.63
C LEU D 85 -34.56 11.02 -6.16
N SER D 86 -34.69 11.99 -5.24
CA SER D 86 -34.86 13.37 -5.63
C SER D 86 -33.51 14.00 -5.98
N VAL D 87 -33.47 14.73 -7.09
CA VAL D 87 -32.26 15.40 -7.55
C VAL D 87 -32.64 16.82 -7.97
N VAL D 88 -32.11 17.81 -7.25
CA VAL D 88 -32.41 19.21 -7.54
C VAL D 88 -31.39 19.71 -8.57
N LYS D 89 -31.90 20.17 -9.71
CA LYS D 89 -31.03 20.59 -10.80
C LYS D 89 -30.22 21.83 -10.41
N SER D 90 -29.14 22.06 -11.18
CA SER D 90 -28.22 23.15 -10.87
C SER D 90 -28.92 24.50 -10.90
N GLN D 91 -29.81 24.71 -11.86
CA GLN D 91 -30.48 26.01 -11.99
C GLN D 91 -31.39 26.27 -10.80
N ASP D 92 -32.06 25.23 -10.28
CA ASP D 92 -32.93 25.42 -9.13
C ASP D 92 -32.12 25.68 -7.86
N VAL D 93 -30.96 25.03 -7.72
CA VAL D 93 -30.10 25.28 -6.57
C VAL D 93 -29.51 26.68 -6.65
N GLU D 94 -29.15 27.12 -7.86
CA GLU D 94 -28.49 28.41 -8.05
C GLU D 94 -29.36 29.57 -7.59
N GLN D 95 -30.68 29.36 -7.45
CA GLN D 95 -31.55 30.43 -7.00
C GLN D 95 -31.33 30.79 -5.53
N SER D 96 -30.69 29.90 -4.76
CA SER D 96 -30.39 30.16 -3.37
C SER D 96 -29.21 31.12 -3.28
N ASP D 97 -29.46 32.33 -2.77
CA ASP D 97 -28.39 33.31 -2.65
C ASP D 97 -27.33 32.88 -1.64
N LEU D 98 -27.73 32.15 -0.60
CA LEU D 98 -26.77 31.69 0.39
C LEU D 98 -25.78 30.69 -0.21
N ILE D 99 -26.28 29.75 -1.01
CA ILE D 99 -25.41 28.74 -1.59
C ILE D 99 -24.46 29.36 -2.61
N ARG D 100 -24.95 30.33 -3.38
CA ARG D 100 -24.07 31.04 -4.30
C ARG D 100 -22.98 31.79 -3.55
N ALA D 101 -23.35 32.49 -2.47
CA ALA D 101 -22.39 33.30 -1.75
C ALA D 101 -21.34 32.44 -1.04
N VAL D 102 -21.74 31.28 -0.53
CA VAL D 102 -20.80 30.43 0.18
C VAL D 102 -19.90 29.67 -0.78
N THR D 103 -20.45 29.17 -1.88
CA THR D 103 -19.66 28.38 -2.82
C THR D 103 -18.82 29.23 -3.76
N ARG D 104 -19.13 30.52 -3.91
CA ARG D 104 -18.32 31.43 -4.72
C ARG D 104 -17.52 32.39 -3.86
N SER D 105 -17.40 32.12 -2.55
CA SER D 105 -16.62 32.99 -1.68
C SER D 105 -15.15 32.95 -2.06
N GLU D 106 -14.58 34.12 -2.33
CA GLU D 106 -13.16 34.18 -2.69
C GLU D 106 -12.28 33.74 -1.54
N VAL D 107 -12.73 33.91 -0.30
CA VAL D 107 -11.96 33.44 0.84
C VAL D 107 -11.88 31.92 0.84
N LEU D 108 -12.99 31.24 0.55
CA LEU D 108 -12.98 29.79 0.50
C LEU D 108 -12.19 29.28 -0.69
N LEU D 109 -12.36 29.90 -1.85
CA LEU D 109 -11.64 29.45 -3.05
C LEU D 109 -10.14 29.66 -2.92
N THR D 110 -9.72 30.73 -2.23
CA THR D 110 -8.29 30.98 -2.05
C THR D 110 -7.68 29.99 -1.06
N PHE D 111 -8.41 29.67 0.02
CA PHE D 111 -7.91 28.70 0.99
C PHE D 111 -7.77 27.33 0.36
N LEU D 112 -8.81 26.86 -0.33
CA LEU D 112 -8.78 25.54 -0.94
C LEU D 112 -7.75 25.45 -2.06
N ALA D 113 -7.37 26.58 -2.66
CA ALA D 113 -6.30 26.58 -3.65
C ALA D 113 -4.96 26.18 -3.05
N GLY D 114 -4.78 26.38 -1.74
CA GLY D 114 -3.59 25.88 -1.08
C GLY D 114 -3.56 24.37 -0.94
N ILE D 115 -4.73 23.74 -0.95
CA ILE D 115 -4.82 22.27 -0.91
C ILE D 115 -4.71 21.68 -2.31
N THR D 116 -5.39 22.28 -3.29
CA THR D 116 -5.23 21.84 -4.67
C THR D 116 -3.88 22.22 -5.25
N ARG D 117 -3.21 23.22 -4.66
CA ARG D 117 -1.96 23.76 -5.18
C ARG D 117 -2.12 24.29 -6.61
N GLU D 118 -3.31 24.74 -6.96
CA GLU D 118 -3.55 25.37 -8.26
C GLU D 118 -4.81 26.22 -8.16
N ARG D 119 -4.95 27.12 -9.14
CA ARG D 119 -6.05 28.08 -9.11
C ARG D 119 -7.39 27.37 -9.32
N ILE D 120 -8.37 27.73 -8.48
CA ILE D 120 -9.72 27.19 -8.56
C ILE D 120 -10.62 28.25 -9.18
N ILE D 121 -11.32 27.88 -10.24
CA ILE D 121 -12.15 28.80 -11.00
C ILE D 121 -13.60 28.31 -10.91
N PRO D 122 -14.52 29.08 -10.33
CA PRO D 122 -15.91 28.63 -10.23
C PRO D 122 -16.68 28.76 -11.54
N GLU D 123 -15.96 28.76 -12.66
CA GLU D 123 -16.58 28.84 -13.97
C GLU D 123 -16.87 27.42 -14.46
N VAL D 124 -18.17 27.07 -14.46
CA VAL D 124 -18.62 25.73 -14.86
C VAL D 124 -19.88 25.92 -15.70
N SER D 125 -20.10 24.99 -16.64
CA SER D 125 -21.31 24.99 -17.44
C SER D 125 -22.55 25.07 -16.55
N ASP D 126 -23.59 25.74 -17.06
CA ASP D 126 -24.76 26.05 -16.24
C ASP D 126 -25.46 24.79 -15.75
N ASP D 127 -25.35 23.68 -16.48
CA ASP D 127 -26.04 22.44 -16.13
C ASP D 127 -25.27 21.59 -15.14
N GLU D 128 -24.10 22.05 -14.67
CA GLU D 128 -23.31 21.23 -13.76
C GLU D 128 -22.62 22.04 -12.67
N ARG D 129 -23.16 23.21 -12.32
CA ARG D 129 -22.56 24.00 -11.25
C ARG D 129 -22.89 23.43 -9.87
N TYR D 130 -24.17 23.22 -9.60
CA TYR D 130 -24.63 22.71 -8.32
C TYR D 130 -25.47 21.46 -8.52
N LEU D 131 -25.72 20.76 -7.42
CA LEU D 131 -26.53 19.55 -7.43
C LEU D 131 -26.84 19.16 -6.00
N ILE D 132 -28.09 18.79 -5.75
CA ILE D 132 -28.53 18.28 -4.45
C ILE D 132 -29.19 16.94 -4.67
N THR D 133 -28.54 15.88 -4.17
CA THR D 133 -29.09 14.54 -4.22
C THR D 133 -29.68 14.17 -2.86
N HIS D 134 -30.86 13.57 -2.87
CA HIS D 134 -31.60 13.23 -1.65
C HIS D 134 -32.09 11.79 -1.78
N GLN D 135 -31.40 10.87 -1.12
CA GLN D 135 -31.73 9.45 -1.19
C GLN D 135 -32.48 9.03 0.07
N GLU D 136 -33.65 8.40 -0.12
CA GLU D 136 -34.47 7.95 0.98
C GLU D 136 -34.76 6.46 0.97
N PHE D 137 -34.51 5.77 -0.15
CA PHE D 137 -34.79 4.35 -0.25
C PHE D 137 -33.54 3.61 -0.72
N ALA D 138 -33.55 2.30 -0.51
CA ALA D 138 -32.40 1.47 -0.87
C ALA D 138 -32.20 1.42 -2.38
N THR D 141 -28.28 4.96 -5.44
CA THR D 141 -26.83 4.95 -5.60
C THR D 141 -26.38 5.90 -6.71
N HIS D 142 -25.06 6.11 -6.79
CA HIS D 142 -24.46 6.98 -7.80
C HIS D 142 -23.22 6.23 -8.31
N GLY D 143 -23.40 5.53 -9.43
CA GLY D 143 -22.41 4.56 -9.88
C GLY D 143 -21.05 5.17 -10.18
N TRP D 144 -20.09 4.27 -10.42
CA TRP D 144 -18.73 4.68 -10.74
C TRP D 144 -18.72 5.62 -11.94
N HIS D 145 -17.93 6.70 -11.83
CA HIS D 145 -17.88 7.69 -12.89
C HIS D 145 -16.71 8.63 -12.63
N TRP D 146 -16.32 9.35 -13.69
CA TRP D 146 -15.49 10.53 -13.58
C TRP D 146 -16.33 11.76 -13.92
N ASP D 147 -15.85 12.91 -13.48
CA ASP D 147 -16.48 14.18 -13.81
C ASP D 147 -15.61 14.93 -14.81
N ASP D 148 -16.27 15.75 -15.64
CA ASP D 148 -15.55 16.54 -16.63
C ASP D 148 -14.82 17.72 -16.01
N TYR D 149 -15.05 18.01 -14.74
CA TYR D 149 -14.39 19.11 -14.05
C TYR D 149 -13.47 18.56 -12.96
N SER D 150 -12.45 19.36 -12.62
CA SER D 150 -11.38 18.86 -11.77
C SER D 150 -11.77 18.78 -10.30
N PHE D 151 -12.70 19.61 -9.85
CA PHE D 151 -12.97 19.76 -8.43
C PHE D 151 -14.45 19.56 -8.13
N ALA D 152 -14.72 18.87 -7.03
CA ALA D 152 -16.06 18.69 -6.49
C ALA D 152 -16.00 18.97 -5.00
N PHE D 153 -16.66 20.05 -4.56
CA PHE D 153 -16.72 20.44 -3.15
C PHE D 153 -18.08 20.00 -2.63
N ASN D 154 -18.10 18.91 -1.87
CA ASN D 154 -19.33 18.26 -1.46
C ASN D 154 -19.69 18.63 -0.02
N TRP D 155 -20.99 18.68 0.24
CA TRP D 155 -21.54 18.97 1.56
C TRP D 155 -22.42 17.80 1.96
N ALA D 156 -21.87 16.87 2.75
CA ALA D 156 -22.64 15.74 3.27
C ALA D 156 -23.55 16.25 4.38
N LEU D 157 -24.64 16.90 3.96
CA LEU D 157 -25.49 17.60 4.92
C LEU D 157 -26.25 16.65 5.83
N ARG D 158 -26.61 15.46 5.33
CA ARG D 158 -27.30 14.47 6.13
C ARG D 158 -26.82 13.09 5.71
N MET D 159 -26.33 12.31 6.67
CA MET D 159 -25.77 11.00 6.38
C MET D 159 -26.34 9.96 7.33
N PRO D 160 -26.72 8.79 6.81
CA PRO D 160 -27.15 7.69 7.68
C PRO D 160 -25.96 7.04 8.34
N PRO D 161 -26.19 6.12 9.29
CA PRO D 161 -25.07 5.36 9.85
C PRO D 161 -24.33 4.60 8.76
N ILE D 162 -23.06 4.31 9.05
CA ILE D 162 -22.20 3.65 8.07
C ILE D 162 -22.77 2.29 7.67
N ALA D 163 -23.41 1.60 8.61
CA ALA D 163 -24.00 0.30 8.32
C ALA D 163 -25.14 0.38 7.32
N SER D 164 -25.74 1.56 7.15
CA SER D 164 -26.79 1.76 6.16
C SER D 164 -26.22 2.02 4.76
N GLY D 165 -24.91 2.06 4.61
CA GLY D 165 -24.32 2.42 3.33
C GLY D 165 -24.22 3.92 3.16
N GLY D 166 -24.04 4.33 1.92
CA GLY D 166 -23.93 5.74 1.60
C GLY D 166 -22.53 6.30 1.66
N MET D 167 -21.51 5.46 1.89
CA MET D 167 -20.14 5.94 1.90
C MET D 167 -19.73 6.39 0.49
N VAL D 168 -18.53 6.96 0.40
CA VAL D 168 -17.95 7.38 -0.86
C VAL D 168 -16.72 6.52 -1.12
N GLN D 169 -16.70 5.86 -2.27
CA GLN D 169 -15.55 5.09 -2.71
C GLN D 169 -14.82 5.84 -3.80
N ALA D 170 -13.50 5.66 -3.84
CA ALA D 170 -12.66 6.43 -4.75
C ALA D 170 -11.48 5.59 -5.20
N VAL D 171 -11.07 5.82 -6.45
CA VAL D 171 -9.85 5.24 -7.00
C VAL D 171 -9.05 6.38 -7.62
N PRO D 172 -8.06 6.92 -6.92
CA PRO D 172 -7.33 8.08 -7.43
C PRO D 172 -6.35 7.67 -8.53
N HIS D 173 -5.83 8.70 -9.21
CA HIS D 173 -4.79 8.53 -10.24
C HIS D 173 -5.28 7.66 -11.39
N THR D 174 -6.53 7.85 -11.80
CA THR D 174 -7.07 7.24 -12.99
C THR D 174 -7.42 8.34 -14.00
N HIS D 175 -8.06 7.95 -15.09
CA HIS D 175 -8.51 8.91 -16.09
C HIS D 175 -9.75 8.37 -16.78
N TRP D 176 -10.50 9.28 -17.39
CA TRP D 176 -11.75 8.95 -18.08
C TRP D 176 -11.46 8.82 -19.57
N ASP D 177 -11.32 7.59 -20.05
CA ASP D 177 -11.24 7.30 -21.47
C ASP D 177 -12.67 7.12 -21.97
N LYS D 178 -13.21 8.16 -22.61
CA LYS D 178 -14.62 8.15 -22.99
C LYS D 178 -14.92 7.14 -24.09
N ASN D 179 -13.92 6.76 -24.89
CA ASN D 179 -14.14 5.72 -25.90
C ASN D 179 -14.24 4.35 -25.28
N ALA D 180 -13.56 4.13 -24.16
CA ALA D 180 -13.60 2.86 -23.43
C ALA D 180 -13.31 3.10 -21.96
N PRO D 181 -14.34 3.37 -21.15
CA PRO D 181 -14.08 3.68 -19.73
C PRO D 181 -13.34 2.57 -19.00
N ARG D 182 -13.70 1.31 -19.25
CA ARG D 182 -13.07 0.15 -18.61
C ARG D 182 -13.08 0.31 -17.09
N ILE D 183 -14.27 0.53 -16.53
CA ILE D 183 -14.39 0.78 -15.09
C ILE D 183 -14.03 -0.46 -14.30
N ASN D 184 -14.62 -1.61 -14.66
CA ASN D 184 -14.36 -2.84 -13.91
C ASN D 184 -12.91 -3.29 -14.08
N GLU D 185 -12.35 -3.13 -15.29
CA GLU D 185 -10.94 -3.44 -15.49
C GLU D 185 -10.06 -2.50 -14.67
N THR D 186 -10.52 -1.28 -14.41
CA THR D 186 -9.76 -0.36 -13.57
C THR D 186 -9.74 -0.83 -12.12
N LEU D 187 -10.88 -1.33 -11.62
CA LEU D 187 -10.91 -1.86 -10.25
C LEU D 187 -9.97 -3.03 -10.08
N CYS D 188 -9.85 -3.88 -11.11
CA CYS D 188 -8.96 -5.04 -11.00
C CYS D 188 -7.50 -4.62 -10.96
N GLU D 189 -7.16 -3.45 -11.51
CA GLU D 189 -5.78 -2.99 -11.55
C GLU D 189 -5.41 -2.12 -10.37
N ARG D 190 -6.39 -1.60 -9.62
CA ARG D 190 -6.15 -0.62 -8.58
C ARG D 190 -6.83 -1.07 -7.29
N GLN D 191 -6.68 -0.26 -6.25
CA GLN D 191 -7.33 -0.49 -4.97
C GLN D 191 -8.38 0.58 -4.71
N ILE D 192 -9.40 0.23 -3.94
CA ILE D 192 -10.54 1.10 -3.67
C ILE D 192 -10.41 1.67 -2.27
N ASP D 193 -10.54 2.98 -2.15
CA ASP D 193 -10.62 3.65 -0.86
C ASP D 193 -12.07 3.95 -0.55
N THR D 194 -12.46 3.79 0.72
CA THR D 194 -13.82 4.03 1.15
C THR D 194 -13.81 5.06 2.27
N TYR D 195 -14.71 6.05 2.17
CA TYR D 195 -14.77 7.16 3.12
C TYR D 195 -16.18 7.24 3.68
N GLY D 196 -16.31 6.99 4.98
CA GLY D 196 -17.57 7.23 5.65
C GLY D 196 -17.76 8.71 5.97
N LEU D 197 -19.00 9.15 5.92
CA LEU D 197 -19.33 10.55 6.13
C LEU D 197 -20.38 10.67 7.23
N VAL D 198 -20.25 11.72 8.03
CA VAL D 198 -21.22 12.07 9.06
C VAL D 198 -21.89 13.37 8.65
N SER D 199 -23.15 13.55 9.10
CA SER D 199 -23.87 14.78 8.81
C SER D 199 -23.04 15.99 9.18
N GLY D 200 -22.95 16.95 8.26
CA GLY D 200 -22.11 18.12 8.44
C GLY D 200 -20.71 17.98 7.90
N ASP D 201 -20.32 16.79 7.43
CA ASP D 201 -19.01 16.64 6.81
C ASP D 201 -19.00 17.25 5.42
N LEU D 202 -17.84 17.81 5.07
CA LEU D 202 -17.57 18.29 3.72
C LEU D 202 -16.34 17.58 3.19
N TYR D 203 -16.19 17.58 1.87
CA TYR D 203 -14.96 17.02 1.32
C TYR D 203 -14.69 17.59 -0.07
N LEU D 204 -13.40 17.73 -0.37
CA LEU D 204 -12.93 18.18 -1.68
C LEU D 204 -12.42 16.97 -2.46
N LEU D 205 -12.92 16.81 -3.68
CA LEU D 205 -12.60 15.65 -4.51
C LEU D 205 -11.94 16.11 -5.80
N ARG D 206 -10.86 15.43 -6.19
CA ARG D 206 -10.27 15.60 -7.51
C ARG D 206 -11.07 14.71 -8.47
N SER D 207 -12.24 15.23 -8.85
CA SER D 207 -13.29 14.40 -9.46
C SER D 207 -12.99 13.98 -10.89
N ASP D 208 -11.95 14.51 -11.52
CA ASP D 208 -11.68 14.16 -12.91
C ASP D 208 -10.70 12.99 -13.03
N THR D 209 -9.71 12.91 -12.14
CA THR D 209 -8.75 11.81 -12.17
C THR D 209 -8.99 10.79 -11.05
N THR D 210 -10.08 10.93 -10.31
CA THR D 210 -10.43 10.00 -9.23
C THR D 210 -11.78 9.40 -9.57
N MET D 211 -11.78 8.17 -10.09
CA MET D 211 -13.02 7.45 -10.30
C MET D 211 -13.71 7.24 -8.95
N HIS D 212 -14.97 7.66 -8.86
CA HIS D 212 -15.66 7.66 -7.59
C HIS D 212 -17.12 7.23 -7.77
N ARG D 213 -17.73 6.89 -6.64
CA ARG D 213 -19.13 6.49 -6.59
C ARG D 213 -19.59 6.60 -5.15
N THR D 214 -20.91 6.47 -4.96
CA THR D 214 -21.51 6.38 -3.64
C THR D 214 -21.97 4.95 -3.41
N VAL D 215 -21.60 4.39 -2.27
CA VAL D 215 -22.01 3.01 -1.96
C VAL D 215 -23.52 2.99 -1.77
N PRO D 216 -24.23 2.04 -2.39
CA PRO D 216 -25.69 2.05 -2.33
C PRO D 216 -26.21 1.92 -0.90
N LEU D 217 -27.34 2.57 -0.65
CA LEU D 217 -28.03 2.41 0.63
C LEU D 217 -28.67 1.03 0.70
N THR D 218 -28.54 0.38 1.85
CA THR D 218 -29.04 -0.97 2.04
C THR D 218 -30.30 -1.03 2.90
N GLU D 219 -30.85 0.12 3.30
CA GLU D 219 -32.02 0.17 4.15
C GLU D 219 -32.93 1.31 3.72
N ASP D 220 -34.23 1.05 3.71
CA ASP D 220 -35.20 2.12 3.47
C ASP D 220 -35.26 3.04 4.69
N GLY D 221 -35.37 4.34 4.42
CA GLY D 221 -35.39 5.32 5.48
C GLY D 221 -34.04 5.85 5.91
N ALA D 222 -32.97 5.50 5.20
CA ALA D 222 -31.64 6.01 5.50
C ALA D 222 -31.40 7.28 4.66
N VAL D 223 -31.91 8.40 5.17
CA VAL D 223 -31.89 9.64 4.42
C VAL D 223 -30.45 10.10 4.21
N ARG D 224 -30.11 10.44 2.96
CA ARG D 224 -28.79 10.91 2.59
C ARG D 224 -28.96 12.14 1.71
N THR D 225 -28.51 13.30 2.19
CA THR D 225 -28.63 14.56 1.47
C THR D 225 -27.24 15.12 1.22
N MET D 226 -26.94 15.42 -0.04
CA MET D 226 -25.60 15.84 -0.46
C MET D 226 -25.70 17.04 -1.38
N LEU D 227 -24.93 18.08 -1.09
CA LEU D 227 -24.80 19.24 -1.98
C LEU D 227 -23.46 19.13 -2.71
N VAL D 228 -23.53 18.97 -4.03
CA VAL D 228 -22.34 18.82 -4.86
C VAL D 228 -22.09 20.14 -5.57
N VAL D 229 -20.87 20.66 -5.44
CA VAL D 229 -20.45 21.91 -6.06
C VAL D 229 -19.26 21.61 -6.95
N SER D 230 -19.39 21.91 -8.25
CA SER D 230 -18.34 21.63 -9.21
C SER D 230 -17.54 22.89 -9.52
N TRP D 231 -16.22 22.76 -9.47
CA TRP D 231 -15.31 23.84 -9.81
C TRP D 231 -14.35 23.37 -10.88
N SER D 232 -13.71 24.33 -11.54
CA SER D 232 -12.80 24.05 -12.64
C SER D 232 -11.37 24.41 -12.27
N ALA D 233 -10.43 23.74 -12.93
CA ALA D 233 -9.06 24.19 -12.99
C ALA D 233 -8.81 24.81 -14.37
N GLU D 234 -7.60 25.32 -14.58
CA GLU D 234 -7.28 25.93 -15.87
C GLU D 234 -7.35 24.91 -17.00
N ARG D 235 -7.12 23.63 -16.69
CA ARG D 235 -7.25 22.57 -17.69
C ARG D 235 -8.70 22.35 -18.11
N ASP D 236 -9.67 22.98 -17.46
CA ASP D 236 -11.08 22.79 -17.77
C ASP D 236 -11.69 23.97 -18.52
N LEU D 237 -10.95 25.05 -18.72
CA LEU D 237 -11.48 26.24 -19.39
C LEU D 237 -11.57 25.96 -20.88
N GLY D 238 -12.76 25.60 -21.35
CA GLY D 238 -12.97 25.31 -22.75
C GLY D 238 -13.29 23.85 -23.02
#